data_3CWT
#
_entry.id   3CWT
#
_cell.length_a   75.748
_cell.length_b   101.478
_cell.length_c   103.113
_cell.angle_alpha   90.00
_cell.angle_beta   93.72
_cell.angle_gamma   90.00
#
_symmetry.space_group_name_H-M   'P 1 21 1'
#
loop_
_entity.id
_entity.type
_entity.pdbx_description
1 polymer 'DNA-3-methyladenine glycosylase 2'
2 polymer "DNA (5'-D(*DGP*DAP*DCP*DAP*DTP*DGP*DAP*(2FI)P*DTP*DGP*DCP*DC)-3')"
3 polymer "DNA (5'-D(*DGP*DGP*DCP*DAP*DAP*DTP*DCP*DAP*DTP*DGP*DTP*DC)-3')"
4 water water
#
loop_
_entity_poly.entity_id
_entity_poly.type
_entity_poly.pdbx_seq_one_letter_code
_entity_poly.pdbx_strand_id
1 'polypeptide(L)'
;MYTLNWQPPYDWSWMLGFLAARAVSSVETVADSYYARSLAVGEYRGVVTAIPDIARHTLHINLSAGLEPVAAECLAKMSR
LFDLQCNPQIVNGALGRLGAARPGLRLPGCVDAFEQGVRAILGQLVSVAMAAKLTARVAQLYGERLDDFPEYICFPTPQR
LAAADPQALKALGMPLKRAEALIHLANAALEGTLPMTIPGDVEQAMKTLQTFPGIGRWTANYFALRGWQAKDVFLPDDYL
IKQRFPGMTPAQIRRYAERWKPWRSYALLHIWYTEGWQPDEA
;
A,B,C,D
2 'polydeoxyribonucleotide' (DG)(DA)(DC)(DA)(DT)(DG)(DA)(2FI)(DT)(DG)(DC)(DC) E,G
3 'polydeoxyribonucleotide' (DG)(DG)(DC)(DA)(DA)(DT)(DC)(DA)(DT)(DG)(DT)(DC) F,H
#
loop_
_chem_comp.id
_chem_comp.type
_chem_comp.name
_chem_comp.formula
2FI DNA linking 2'-fluoro-2'-deoxyinosine 'C10 H12 F N4 O7 P'
DA DNA linking 2'-DEOXYADENOSINE-5'-MONOPHOSPHATE 'C10 H14 N5 O6 P'
DC DNA linking 2'-DEOXYCYTIDINE-5'-MONOPHOSPHATE 'C9 H14 N3 O7 P'
DG DNA linking 2'-DEOXYGUANOSINE-5'-MONOPHOSPHATE 'C10 H14 N5 O7 P'
DT DNA linking THYMIDINE-5'-MONOPHOSPHATE 'C10 H15 N2 O8 P'
#
# COMPACT_ATOMS: atom_id res chain seq x y z
N MET A 1 -38.23 -34.45 3.67
CA MET A 1 -37.32 -33.61 2.86
C MET A 1 -37.93 -32.39 2.20
N TYR A 2 -37.17 -31.29 2.32
CA TYR A 2 -37.45 -29.98 1.74
C TYR A 2 -37.56 -30.18 0.23
N THR A 3 -38.25 -29.28 -0.48
CA THR A 3 -38.39 -29.45 -1.92
C THR A 3 -38.28 -28.09 -2.58
N LEU A 4 -37.53 -28.03 -3.67
CA LEU A 4 -37.34 -26.80 -4.42
C LEU A 4 -37.73 -27.03 -5.87
N ASN A 5 -38.37 -26.03 -6.47
CA ASN A 5 -38.82 -26.12 -7.86
C ASN A 5 -37.76 -25.73 -8.88
N TRP A 6 -38.01 -26.07 -10.15
CA TRP A 6 -37.11 -25.68 -11.25
C TRP A 6 -37.97 -25.61 -12.51
N GLN A 7 -37.52 -24.86 -13.51
CA GLN A 7 -38.26 -24.72 -14.75
C GLN A 7 -37.61 -25.60 -15.82
N PRO A 8 -38.42 -26.48 -16.44
CA PRO A 8 -37.98 -27.41 -17.50
C PRO A 8 -37.62 -26.64 -18.74
N PRO A 9 -36.72 -27.18 -19.57
CA PRO A 9 -36.07 -28.47 -19.34
C PRO A 9 -34.86 -28.34 -18.45
N TYR A 10 -34.48 -29.45 -17.83
CA TYR A 10 -33.32 -29.48 -16.98
C TYR A 10 -32.60 -30.78 -17.31
N ASP A 11 -31.38 -30.67 -17.83
CA ASP A 11 -30.62 -31.86 -18.18
C ASP A 11 -29.87 -32.38 -16.95
N TRP A 12 -30.56 -33.12 -16.10
CA TRP A 12 -29.94 -33.68 -14.90
C TRP A 12 -28.84 -34.68 -15.14
N SER A 13 -28.90 -35.44 -16.23
CA SER A 13 -27.84 -36.40 -16.47
C SER A 13 -26.55 -35.67 -16.81
N TRP A 14 -26.65 -34.57 -17.56
CA TRP A 14 -25.46 -33.77 -17.90
C TRP A 14 -24.88 -33.15 -16.61
N MET A 15 -25.75 -32.50 -15.83
CA MET A 15 -25.33 -31.89 -14.57
C MET A 15 -24.65 -32.90 -13.62
N LEU A 16 -25.34 -34.00 -13.35
CA LEU A 16 -24.78 -35.02 -12.46
C LEU A 16 -23.44 -35.52 -13.02
N GLY A 17 -23.40 -35.70 -14.34
CA GLY A 17 -22.18 -36.17 -14.99
C GLY A 17 -21.05 -35.18 -14.78
N PHE A 18 -21.37 -33.89 -14.95
CA PHE A 18 -20.40 -32.82 -14.78
C PHE A 18 -19.84 -32.83 -13.36
N LEU A 19 -20.72 -33.06 -12.38
CA LEU A 19 -20.31 -33.10 -10.97
C LEU A 19 -19.49 -34.35 -10.63
N ALA A 20 -19.87 -35.49 -11.21
CA ALA A 20 -19.16 -36.75 -10.96
C ALA A 20 -17.70 -36.63 -11.37
N ALA A 21 -17.46 -36.00 -12.52
CA ALA A 21 -16.11 -35.85 -13.02
C ALA A 21 -15.19 -35.07 -12.08
N ARG A 22 -15.77 -34.15 -11.32
CA ARG A 22 -14.98 -33.33 -10.41
C ARG A 22 -15.14 -33.71 -8.96
N ALA A 23 -16.00 -34.70 -8.70
CA ALA A 23 -16.27 -35.14 -7.33
C ALA A 23 -15.01 -35.40 -6.51
N VAL A 24 -15.08 -35.03 -5.24
CA VAL A 24 -13.96 -35.21 -4.35
C VAL A 24 -14.25 -36.32 -3.34
N SER A 25 -13.41 -37.35 -3.40
CA SER A 25 -13.50 -38.52 -2.54
C SER A 25 -13.65 -38.13 -1.07
N SER A 26 -14.60 -38.77 -0.41
CA SER A 26 -14.89 -38.52 1.01
C SER A 26 -15.72 -37.26 1.26
N VAL A 27 -15.83 -36.39 0.27
CA VAL A 27 -16.62 -35.17 0.40
C VAL A 27 -17.98 -35.31 -0.31
N GLU A 28 -17.93 -35.75 -1.56
CA GLU A 28 -19.14 -35.89 -2.35
C GLU A 28 -19.39 -37.33 -2.81
N THR A 29 -20.64 -37.59 -3.14
CA THR A 29 -21.07 -38.87 -3.66
C THR A 29 -22.09 -38.54 -4.73
N VAL A 30 -21.77 -38.91 -5.96
CA VAL A 30 -22.65 -38.63 -7.08
C VAL A 30 -23.09 -39.92 -7.76
N ALA A 31 -24.40 -40.04 -7.99
CA ALA A 31 -25.00 -41.19 -8.65
C ALA A 31 -25.90 -40.62 -9.74
N ASP A 32 -26.53 -41.50 -10.50
CA ASP A 32 -27.39 -41.08 -11.61
C ASP A 32 -28.70 -40.42 -11.19
N SER A 33 -29.15 -40.70 -9.97
CA SER A 33 -30.42 -40.13 -9.52
C SER A 33 -30.31 -39.20 -8.31
N TYR A 34 -29.11 -39.06 -7.75
CA TYR A 34 -28.92 -38.17 -6.60
C TYR A 34 -27.50 -37.66 -6.42
N TYR A 35 -27.38 -36.63 -5.60
CA TYR A 35 -26.10 -36.00 -5.27
C TYR A 35 -26.06 -35.81 -3.76
N ALA A 36 -24.99 -36.23 -3.12
CA ALA A 36 -24.89 -36.07 -1.67
C ALA A 36 -23.49 -35.65 -1.25
N ARG A 37 -23.37 -34.85 -0.19
CA ARG A 37 -22.04 -34.42 0.25
C ARG A 37 -22.04 -33.82 1.64
N SER A 38 -20.83 -33.64 2.17
CA SER A 38 -20.64 -33.06 3.48
C SER A 38 -20.93 -31.57 3.31
N LEU A 39 -21.30 -30.90 4.39
CA LEU A 39 -21.61 -29.50 4.29
C LEU A 39 -21.46 -28.85 5.65
N ALA A 40 -20.72 -27.76 5.68
CA ALA A 40 -20.52 -27.01 6.93
C ALA A 40 -21.02 -25.59 6.76
N VAL A 41 -21.81 -25.13 7.71
CA VAL A 41 -22.34 -23.77 7.74
C VAL A 41 -21.98 -23.30 9.14
N GLY A 42 -20.85 -22.60 9.26
CA GLY A 42 -20.40 -22.15 10.56
C GLY A 42 -19.93 -23.38 11.33
N GLU A 43 -20.48 -23.59 12.52
CA GLU A 43 -20.11 -24.75 13.33
C GLU A 43 -21.19 -25.84 13.22
N TYR A 44 -22.11 -25.67 12.28
CA TYR A 44 -23.17 -26.65 12.04
C TYR A 44 -22.70 -27.53 10.89
N ARG A 45 -22.90 -28.84 11.02
CA ARG A 45 -22.49 -29.81 10.01
C ARG A 45 -23.40 -30.97 9.78
N GLY A 46 -23.22 -31.55 8.61
CA GLY A 46 -23.99 -32.71 8.25
C GLY A 46 -23.81 -33.14 6.83
N VAL A 47 -24.83 -33.84 6.40
CA VAL A 47 -24.88 -34.38 5.06
C VAL A 47 -26.16 -33.91 4.41
N VAL A 48 -26.02 -33.41 3.19
CA VAL A 48 -27.16 -32.97 2.41
C VAL A 48 -27.29 -33.95 1.25
N THR A 49 -28.51 -34.40 0.98
CA THR A 49 -28.74 -35.32 -0.12
C THR A 49 -29.75 -34.69 -1.06
N ALA A 50 -29.37 -34.51 -2.33
CA ALA A 50 -30.26 -33.89 -3.30
C ALA A 50 -30.77 -34.93 -4.29
N ILE A 51 -32.10 -35.06 -4.36
CA ILE A 51 -32.73 -36.04 -5.22
C ILE A 51 -33.73 -35.40 -6.18
N PRO A 52 -33.39 -35.35 -7.47
CA PRO A 52 -34.34 -34.72 -8.39
C PRO A 52 -35.56 -35.61 -8.73
N ASP A 53 -36.67 -34.97 -9.05
CA ASP A 53 -37.92 -35.64 -9.40
C ASP A 53 -38.34 -34.99 -10.70
N ILE A 54 -38.01 -35.64 -11.80
CA ILE A 54 -38.28 -35.11 -13.14
C ILE A 54 -39.74 -34.94 -13.53
N ALA A 55 -40.60 -35.82 -13.01
CA ALA A 55 -42.02 -35.74 -13.34
C ALA A 55 -42.68 -34.50 -12.75
N ARG A 56 -42.17 -34.04 -11.62
CA ARG A 56 -42.74 -32.87 -10.94
C ARG A 56 -41.82 -31.67 -10.97
N HIS A 57 -40.70 -31.79 -11.67
CA HIS A 57 -39.70 -30.73 -11.79
C HIS A 57 -39.43 -30.13 -10.39
N THR A 58 -39.18 -31.02 -9.45
CA THR A 58 -38.91 -30.67 -8.06
C THR A 58 -37.58 -31.29 -7.64
N LEU A 59 -36.89 -30.65 -6.70
CA LEU A 59 -35.65 -31.16 -6.19
C LEU A 59 -35.83 -31.37 -4.69
N HIS A 60 -35.71 -32.61 -4.25
CA HIS A 60 -35.84 -32.99 -2.84
C HIS A 60 -34.48 -32.93 -2.15
N ILE A 61 -34.46 -32.26 -1.01
CA ILE A 61 -33.26 -32.11 -0.24
C ILE A 61 -33.44 -32.63 1.15
N ASN A 62 -32.57 -33.54 1.55
CA ASN A 62 -32.62 -34.08 2.88
C ASN A 62 -31.40 -33.56 3.62
N LEU A 63 -31.59 -33.28 4.89
CA LEU A 63 -30.52 -32.75 5.71
C LEU A 63 -30.37 -33.60 6.98
N SER A 64 -29.13 -33.96 7.31
CA SER A 64 -28.89 -34.73 8.51
C SER A 64 -29.12 -33.76 9.67
N ALA A 65 -29.50 -34.29 10.83
CA ALA A 65 -29.81 -33.49 12.02
C ALA A 65 -28.93 -32.30 12.32
N GLY A 66 -27.63 -32.42 12.11
CA GLY A 66 -26.75 -31.31 12.41
C GLY A 66 -26.93 -30.04 11.58
N LEU A 67 -27.55 -30.16 10.41
CA LEU A 67 -27.74 -29.00 9.53
C LEU A 67 -29.11 -28.34 9.64
N GLU A 68 -30.03 -29.02 10.33
CA GLU A 68 -31.38 -28.51 10.52
C GLU A 68 -31.48 -27.06 11.03
N PRO A 69 -30.63 -26.67 12.00
CA PRO A 69 -30.68 -25.29 12.52
C PRO A 69 -30.46 -24.24 11.42
N VAL A 70 -29.73 -24.60 10.37
CA VAL A 70 -29.48 -23.68 9.26
C VAL A 70 -30.04 -24.25 7.96
N ALA A 71 -31.20 -24.88 8.06
CA ALA A 71 -31.86 -25.50 6.91
C ALA A 71 -31.93 -24.59 5.68
N ALA A 72 -32.52 -23.41 5.84
CA ALA A 72 -32.67 -22.48 4.76
C ALA A 72 -31.38 -22.10 4.03
N GLU A 73 -30.26 -21.97 4.74
CA GLU A 73 -29.03 -21.61 4.07
C GLU A 73 -28.48 -22.82 3.28
N CYS A 74 -28.74 -24.03 3.76
CA CYS A 74 -28.32 -25.22 3.04
C CYS A 74 -29.09 -25.28 1.73
N LEU A 75 -30.37 -24.96 1.78
CA LEU A 75 -31.22 -24.98 0.61
C LEU A 75 -30.71 -23.95 -0.39
N ALA A 76 -30.32 -22.78 0.10
CA ALA A 76 -29.80 -21.74 -0.78
C ALA A 76 -28.54 -22.22 -1.46
N LYS A 77 -27.66 -22.85 -0.72
CA LYS A 77 -26.41 -23.33 -1.30
C LYS A 77 -26.68 -24.36 -2.40
N MET A 78 -27.65 -25.24 -2.18
CA MET A 78 -28.00 -26.27 -3.14
C MET A 78 -28.60 -25.59 -4.37
N SER A 79 -29.47 -24.61 -4.15
CA SER A 79 -30.09 -23.90 -5.26
C SER A 79 -29.06 -23.21 -6.14
N ARG A 80 -27.95 -22.75 -5.55
CA ARG A 80 -26.92 -22.09 -6.34
C ARG A 80 -26.06 -23.14 -7.06
N LEU A 81 -25.85 -24.28 -6.40
CA LEU A 81 -25.08 -25.36 -7.00
C LEU A 81 -25.79 -25.88 -8.25
N PHE A 82 -27.11 -26.03 -8.16
CA PHE A 82 -27.89 -26.54 -9.26
C PHE A 82 -28.57 -25.55 -10.18
N ASP A 83 -28.22 -24.28 -10.03
CA ASP A 83 -28.77 -23.25 -10.91
C ASP A 83 -30.29 -23.35 -11.08
N LEU A 84 -31.00 -23.55 -9.97
CA LEU A 84 -32.46 -23.67 -10.04
C LEU A 84 -33.14 -22.40 -10.57
N GLN A 85 -32.45 -21.27 -10.49
CA GLN A 85 -33.03 -20.01 -10.95
C GLN A 85 -33.19 -19.89 -12.46
N CYS A 86 -32.41 -20.67 -13.19
CA CYS A 86 -32.41 -20.59 -14.66
C CYS A 86 -33.74 -20.77 -15.38
N ASN A 87 -33.97 -19.90 -16.34
CA ASN A 87 -35.17 -19.99 -17.18
C ASN A 87 -34.57 -20.32 -18.54
N PRO A 88 -34.54 -21.60 -18.92
CA PRO A 88 -33.95 -21.95 -20.22
C PRO A 88 -34.59 -21.28 -21.43
N GLN A 89 -35.88 -20.95 -21.33
CA GLN A 89 -36.55 -20.30 -22.44
C GLN A 89 -35.83 -18.99 -22.78
N ILE A 90 -35.39 -18.27 -21.74
CA ILE A 90 -34.69 -17.01 -21.94
C ILE A 90 -33.33 -17.23 -22.59
N VAL A 91 -32.52 -18.07 -21.96
CA VAL A 91 -31.18 -18.34 -22.45
C VAL A 91 -31.13 -19.04 -23.81
N ASN A 92 -32.03 -19.99 -24.03
CA ASN A 92 -32.02 -20.69 -25.30
C ASN A 92 -32.52 -19.80 -26.44
N GLY A 93 -33.39 -18.86 -26.12
CA GLY A 93 -33.90 -17.96 -27.15
C GLY A 93 -32.82 -16.97 -27.58
N ALA A 94 -31.83 -16.78 -26.72
CA ALA A 94 -30.74 -15.85 -27.01
C ALA A 94 -29.51 -16.52 -27.61
N LEU A 95 -29.18 -17.72 -27.11
CA LEU A 95 -28.03 -18.45 -27.64
C LEU A 95 -28.41 -19.00 -29.00
N GLY A 96 -29.72 -19.17 -29.21
CA GLY A 96 -30.21 -19.67 -30.47
C GLY A 96 -29.79 -21.10 -30.70
N ARG A 97 -29.15 -21.36 -31.83
CA ARG A 97 -28.75 -22.73 -32.12
C ARG A 97 -27.48 -23.20 -31.42
N LEU A 98 -26.75 -22.30 -30.76
CA LEU A 98 -25.56 -22.74 -30.04
C LEU A 98 -25.98 -23.72 -28.91
N GLY A 99 -27.19 -23.52 -28.37
CA GLY A 99 -27.68 -24.38 -27.30
C GLY A 99 -28.76 -25.40 -27.64
N ALA A 100 -29.31 -25.34 -28.85
CA ALA A 100 -30.37 -26.25 -29.28
C ALA A 100 -30.09 -27.73 -29.06
N ALA A 101 -28.83 -28.13 -29.02
CA ALA A 101 -28.48 -29.54 -28.82
C ALA A 101 -28.84 -30.02 -27.40
N ARG A 102 -28.50 -29.22 -26.39
CA ARG A 102 -28.81 -29.58 -25.01
C ARG A 102 -29.42 -28.42 -24.23
N PRO A 103 -30.69 -28.10 -24.52
CA PRO A 103 -31.47 -27.02 -23.89
C PRO A 103 -31.63 -27.08 -22.39
N GLY A 104 -31.35 -28.24 -21.79
CA GLY A 104 -31.48 -28.37 -20.35
C GLY A 104 -30.20 -28.09 -19.57
N LEU A 105 -29.16 -27.63 -20.25
CA LEU A 105 -27.90 -27.35 -19.59
C LEU A 105 -28.03 -26.23 -18.55
N ARG A 106 -27.30 -26.37 -17.45
CA ARG A 106 -27.31 -25.40 -16.38
C ARG A 106 -25.87 -25.08 -15.98
N LEU A 107 -25.68 -24.02 -15.21
CA LEU A 107 -24.36 -23.62 -14.77
C LEU A 107 -24.05 -24.32 -13.46
N PRO A 108 -23.09 -25.26 -13.46
CA PRO A 108 -22.79 -25.95 -12.20
C PRO A 108 -22.16 -24.89 -11.29
N GLY A 109 -22.77 -24.66 -10.12
CA GLY A 109 -22.22 -23.68 -9.20
C GLY A 109 -21.37 -24.31 -8.11
N CYS A 110 -21.50 -23.79 -6.89
CA CYS A 110 -20.75 -24.31 -5.77
C CYS A 110 -21.60 -24.21 -4.53
N VAL A 111 -21.12 -24.80 -3.44
CA VAL A 111 -21.84 -24.76 -2.20
C VAL A 111 -21.18 -23.73 -1.28
N ASP A 112 -19.94 -23.37 -1.59
CA ASP A 112 -19.19 -22.40 -0.80
C ASP A 112 -18.10 -21.76 -1.64
N ALA A 113 -18.13 -20.43 -1.74
CA ALA A 113 -17.15 -19.72 -2.54
C ALA A 113 -15.68 -20.01 -2.19
N PHE A 114 -15.38 -20.17 -0.90
CA PHE A 114 -14.00 -20.44 -0.51
C PHE A 114 -13.54 -21.78 -1.08
N GLU A 115 -14.40 -22.78 -0.97
CA GLU A 115 -14.08 -24.10 -1.49
C GLU A 115 -13.87 -24.00 -2.99
N GLN A 116 -14.76 -23.27 -3.66
CA GLN A 116 -14.61 -23.14 -5.10
C GLN A 116 -13.33 -22.39 -5.43
N GLY A 117 -12.92 -21.47 -4.57
CA GLY A 117 -11.69 -20.76 -4.81
C GLY A 117 -10.52 -21.74 -4.71
N VAL A 118 -10.58 -22.59 -3.69
CA VAL A 118 -9.53 -23.59 -3.53
C VAL A 118 -9.53 -24.55 -4.73
N ARG A 119 -10.72 -24.90 -5.24
CA ARG A 119 -10.80 -25.80 -6.38
C ARG A 119 -10.26 -25.17 -7.65
N ALA A 120 -10.55 -23.89 -7.87
CA ALA A 120 -10.07 -23.20 -9.06
C ALA A 120 -8.54 -23.21 -9.08
N ILE A 121 -7.93 -22.78 -7.99
CA ILE A 121 -6.48 -22.76 -7.89
C ILE A 121 -5.86 -24.14 -8.16
N LEU A 122 -6.41 -25.19 -7.57
CA LEU A 122 -5.88 -26.55 -7.76
C LEU A 122 -6.18 -27.07 -9.16
N GLY A 123 -7.08 -26.41 -9.87
CA GLY A 123 -7.42 -26.84 -11.21
C GLY A 123 -6.47 -26.26 -12.25
N GLN A 124 -5.54 -25.43 -11.81
CA GLN A 124 -4.59 -24.81 -12.74
C GLN A 124 -3.61 -25.81 -13.35
N LEU A 125 -3.43 -25.72 -14.65
CA LEU A 125 -2.50 -26.57 -15.39
C LEU A 125 -2.92 -28.02 -15.58
N VAL A 126 -3.27 -28.70 -14.49
CA VAL A 126 -3.66 -30.11 -14.54
C VAL A 126 -5.02 -30.48 -15.16
N SER A 127 -5.24 -31.78 -15.33
CA SER A 127 -6.49 -32.30 -15.89
C SER A 127 -7.58 -32.25 -14.83
N VAL A 128 -8.83 -32.32 -15.27
CA VAL A 128 -9.95 -32.29 -14.33
C VAL A 128 -9.78 -33.42 -13.33
N ALA A 129 -9.50 -34.62 -13.85
CA ALA A 129 -9.31 -35.79 -13.00
C ALA A 129 -8.16 -35.58 -12.00
N MET A 130 -7.05 -34.99 -12.45
CA MET A 130 -5.91 -34.77 -11.57
C MET A 130 -6.24 -33.79 -10.44
N ALA A 131 -6.93 -32.70 -10.76
CA ALA A 131 -7.32 -31.72 -9.75
C ALA A 131 -8.19 -32.41 -8.68
N ALA A 132 -9.19 -33.15 -9.13
CA ALA A 132 -10.07 -33.86 -8.20
C ALA A 132 -9.27 -34.73 -7.25
N LYS A 133 -8.15 -35.25 -7.75
CA LYS A 133 -7.27 -36.11 -6.96
C LYS A 133 -6.53 -35.27 -5.93
N LEU A 134 -5.91 -34.21 -6.41
CA LEU A 134 -5.18 -33.28 -5.54
C LEU A 134 -6.13 -32.72 -4.49
N THR A 135 -7.28 -32.22 -4.93
CA THR A 135 -8.25 -31.67 -3.98
C THR A 135 -8.60 -32.73 -2.93
N ALA A 136 -8.65 -34.00 -3.34
CA ALA A 136 -8.97 -35.07 -2.37
C ALA A 136 -7.89 -35.20 -1.30
N ARG A 137 -6.63 -34.94 -1.66
CA ARG A 137 -5.57 -35.03 -0.66
C ARG A 137 -5.55 -33.82 0.27
N VAL A 138 -5.88 -32.64 -0.27
CA VAL A 138 -5.90 -31.46 0.57
C VAL A 138 -7.02 -31.62 1.59
N ALA A 139 -8.15 -32.16 1.15
CA ALA A 139 -9.26 -32.34 2.07
C ALA A 139 -8.89 -33.39 3.11
N GLN A 140 -8.32 -34.49 2.66
CA GLN A 140 -7.93 -35.56 3.57
C GLN A 140 -7.05 -35.04 4.71
N LEU A 141 -5.98 -34.34 4.36
CA LEU A 141 -5.03 -33.81 5.34
C LEU A 141 -5.55 -32.67 6.21
N TYR A 142 -6.38 -31.80 5.63
CA TYR A 142 -6.87 -30.65 6.37
C TYR A 142 -8.34 -30.59 6.72
N GLY A 143 -9.12 -31.58 6.30
CA GLY A 143 -10.55 -31.55 6.56
C GLY A 143 -11.05 -32.28 7.80
N GLU A 144 -12.13 -31.78 8.39
CA GLU A 144 -12.69 -32.38 9.58
C GLU A 144 -13.70 -33.47 9.25
N ARG A 145 -13.52 -34.63 9.88
CA ARG A 145 -14.40 -35.77 9.67
C ARG A 145 -15.69 -35.55 10.43
N LEU A 146 -16.77 -36.13 9.94
CA LEU A 146 -18.06 -35.99 10.62
C LEU A 146 -18.24 -37.14 11.60
N ASP A 147 -18.57 -36.80 12.84
CA ASP A 147 -18.77 -37.78 13.89
C ASP A 147 -19.92 -38.72 13.57
N ASP A 148 -20.98 -38.14 13.02
CA ASP A 148 -22.18 -38.89 12.69
C ASP A 148 -22.09 -39.68 11.37
N PHE A 149 -21.17 -39.29 10.50
CA PHE A 149 -21.02 -39.96 9.21
C PHE A 149 -19.56 -40.10 8.86
N PRO A 150 -18.89 -41.08 9.49
CA PRO A 150 -17.48 -41.39 9.35
C PRO A 150 -16.78 -41.36 8.00
N GLU A 151 -17.22 -41.98 6.91
CA GLU A 151 -16.34 -41.65 5.80
C GLU A 151 -16.79 -40.48 4.93
N TYR A 152 -17.24 -39.40 5.57
CA TYR A 152 -17.59 -38.14 4.88
C TYR A 152 -16.70 -37.20 5.63
N ILE A 153 -15.99 -36.35 4.91
CA ILE A 153 -15.11 -35.38 5.54
C ILE A 153 -15.57 -34.01 5.04
N CYS A 154 -15.52 -33.02 5.91
CA CYS A 154 -15.91 -31.68 5.51
C CYS A 154 -14.74 -31.06 4.76
N PHE A 155 -15.04 -30.25 3.76
CA PHE A 155 -13.97 -29.59 3.01
C PHE A 155 -13.23 -28.71 4.03
N PRO A 156 -11.91 -28.58 3.89
CA PRO A 156 -11.10 -27.77 4.81
C PRO A 156 -11.62 -26.34 4.97
N THR A 157 -11.65 -25.87 6.20
CA THR A 157 -12.11 -24.53 6.50
C THR A 157 -11.03 -23.49 6.21
N PRO A 158 -11.41 -22.20 6.18
CA PRO A 158 -10.44 -21.14 5.92
C PRO A 158 -9.35 -21.08 7.00
N GLN A 159 -9.75 -21.26 8.27
CA GLN A 159 -8.81 -21.21 9.38
C GLN A 159 -7.76 -22.32 9.36
N ARG A 160 -8.19 -23.53 9.01
CA ARG A 160 -7.28 -24.65 8.96
C ARG A 160 -6.24 -24.49 7.83
N LEU A 161 -6.69 -24.12 6.63
CA LEU A 161 -5.76 -23.93 5.51
C LEU A 161 -4.82 -22.74 5.69
N ALA A 162 -5.26 -21.73 6.43
CA ALA A 162 -4.44 -20.54 6.65
C ALA A 162 -3.26 -20.82 7.59
N ALA A 163 -3.44 -21.81 8.46
CA ALA A 163 -2.41 -22.21 9.41
C ALA A 163 -1.67 -23.47 8.95
N ALA A 164 -1.75 -23.76 7.66
CA ALA A 164 -1.08 -24.92 7.12
C ALA A 164 0.34 -24.57 6.67
N ASP A 165 1.22 -25.57 6.71
CA ASP A 165 2.60 -25.38 6.28
C ASP A 165 2.70 -25.51 4.77
N PRO A 166 3.27 -24.50 4.10
CA PRO A 166 3.43 -24.50 2.64
C PRO A 166 4.11 -25.77 2.14
N GLN A 167 5.12 -26.22 2.89
CA GLN A 167 5.85 -27.42 2.52
C GLN A 167 4.95 -28.65 2.59
N ALA A 168 4.01 -28.63 3.52
CA ALA A 168 3.07 -29.74 3.66
C ALA A 168 2.17 -29.86 2.43
N LEU A 169 1.59 -28.72 2.01
CA LEU A 169 0.72 -28.68 0.84
C LEU A 169 1.51 -29.04 -0.41
N LYS A 170 2.77 -28.59 -0.45
CA LYS A 170 3.63 -28.88 -1.59
C LYS A 170 3.82 -30.38 -1.71
N ALA A 171 3.88 -31.05 -0.56
CA ALA A 171 4.06 -32.49 -0.49
C ALA A 171 2.91 -33.31 -1.07
N LEU A 172 1.75 -32.69 -1.22
CA LEU A 172 0.60 -33.41 -1.77
C LEU A 172 0.68 -33.46 -3.28
N GLY A 173 1.63 -32.71 -3.85
CA GLY A 173 1.79 -32.72 -5.29
C GLY A 173 1.42 -31.44 -6.03
N MET A 174 1.92 -30.32 -5.53
CA MET A 174 1.65 -29.04 -6.17
C MET A 174 2.89 -28.18 -5.92
N PRO A 175 3.20 -27.26 -6.85
CA PRO A 175 4.39 -26.41 -6.66
C PRO A 175 4.23 -25.56 -5.39
N LEU A 176 5.33 -25.00 -4.92
CA LEU A 176 5.30 -24.17 -3.72
C LEU A 176 4.36 -22.97 -3.93
N LYS A 177 4.51 -22.30 -5.05
CA LYS A 177 3.69 -21.14 -5.38
C LYS A 177 2.18 -21.44 -5.28
N ARG A 178 1.77 -22.62 -5.69
CA ARG A 178 0.35 -22.96 -5.65
C ARG A 178 -0.10 -23.11 -4.19
N ALA A 179 0.73 -23.79 -3.38
CA ALA A 179 0.41 -23.98 -1.97
C ALA A 179 0.30 -22.64 -1.27
N GLU A 180 1.14 -21.70 -1.70
CA GLU A 180 1.14 -20.36 -1.12
C GLU A 180 -0.17 -19.68 -1.47
N ALA A 181 -0.56 -19.76 -2.73
CA ALA A 181 -1.81 -19.17 -3.22
C ALA A 181 -3.00 -19.66 -2.37
N LEU A 182 -2.98 -20.94 -1.99
CA LEU A 182 -4.08 -21.47 -1.18
C LEU A 182 -4.12 -20.82 0.19
N ILE A 183 -2.95 -20.69 0.81
CA ILE A 183 -2.85 -20.08 2.13
C ILE A 183 -3.25 -18.61 2.10
N HIS A 184 -2.90 -17.90 1.04
CA HIS A 184 -3.27 -16.50 0.91
C HIS A 184 -4.79 -16.38 0.77
N LEU A 185 -5.38 -17.28 -0.02
CA LEU A 185 -6.83 -17.29 -0.24
C LEU A 185 -7.57 -17.56 1.08
N ALA A 186 -7.04 -18.47 1.89
CA ALA A 186 -7.67 -18.79 3.17
C ALA A 186 -7.70 -17.54 4.07
N ASN A 187 -6.59 -16.82 4.11
CA ASN A 187 -6.51 -15.61 4.91
C ASN A 187 -7.52 -14.56 4.43
N ALA A 188 -7.62 -14.38 3.11
CA ALA A 188 -8.57 -13.42 2.54
C ALA A 188 -9.99 -13.82 2.97
N ALA A 189 -10.25 -15.12 2.99
CA ALA A 189 -11.56 -15.62 3.41
C ALA A 189 -11.79 -15.30 4.89
N LEU A 190 -10.77 -15.45 5.71
CA LEU A 190 -10.91 -15.16 7.14
C LEU A 190 -11.21 -13.69 7.37
N GLU A 191 -10.53 -12.84 6.61
CA GLU A 191 -10.69 -11.39 6.74
C GLU A 191 -11.97 -10.91 6.07
N GLY A 192 -12.56 -11.74 5.23
CA GLY A 192 -13.76 -11.34 4.54
C GLY A 192 -13.42 -10.57 3.27
N THR A 193 -12.18 -10.71 2.82
CA THR A 193 -11.68 -10.04 1.62
C THR A 193 -12.01 -10.80 0.32
N LEU A 194 -12.49 -12.04 0.45
CA LEU A 194 -12.86 -12.85 -0.70
C LEU A 194 -14.38 -12.82 -0.77
N PRO A 195 -14.94 -12.20 -1.82
CA PRO A 195 -16.40 -12.11 -1.97
C PRO A 195 -17.05 -13.50 -1.99
N MET A 196 -17.91 -13.78 -1.01
CA MET A 196 -18.56 -15.08 -0.94
C MET A 196 -19.88 -15.12 -1.72
N THR A 197 -20.26 -13.98 -2.28
CA THR A 197 -21.49 -13.87 -3.04
C THR A 197 -21.15 -13.01 -4.23
N ILE A 198 -21.91 -13.13 -5.32
CA ILE A 198 -21.61 -12.36 -6.50
C ILE A 198 -21.72 -10.85 -6.28
N PRO A 199 -20.68 -10.10 -6.63
CA PRO A 199 -20.62 -8.65 -6.49
C PRO A 199 -21.39 -7.90 -7.60
N GLY A 200 -21.79 -6.67 -7.33
CA GLY A 200 -22.50 -5.88 -8.32
C GLY A 200 -21.68 -5.64 -9.59
N ASP A 201 -20.39 -5.40 -9.42
CA ASP A 201 -19.49 -5.18 -10.56
C ASP A 201 -18.50 -6.34 -10.66
N VAL A 202 -18.90 -7.40 -11.35
CA VAL A 202 -18.07 -8.59 -11.49
C VAL A 202 -16.69 -8.38 -12.10
N GLU A 203 -16.62 -7.55 -13.13
CA GLU A 203 -15.31 -7.36 -13.75
C GLU A 203 -14.34 -6.61 -12.83
N GLN A 204 -14.83 -5.72 -11.96
CA GLN A 204 -13.93 -5.01 -11.06
C GLN A 204 -13.44 -6.00 -10.00
N ALA A 205 -14.34 -6.84 -9.48
CA ALA A 205 -13.96 -7.81 -8.46
C ALA A 205 -12.94 -8.81 -9.01
N MET A 206 -13.13 -9.28 -10.24
CA MET A 206 -12.18 -10.22 -10.81
C MET A 206 -10.83 -9.51 -10.91
N LYS A 207 -10.87 -8.22 -11.20
CA LYS A 207 -9.65 -7.43 -11.32
C LYS A 207 -8.95 -7.43 -9.96
N THR A 208 -9.72 -7.23 -8.90
CA THR A 208 -9.14 -7.25 -7.56
C THR A 208 -8.63 -8.66 -7.23
N LEU A 209 -9.37 -9.68 -7.66
CA LEU A 209 -8.95 -11.06 -7.40
C LEU A 209 -7.60 -11.38 -8.00
N GLN A 210 -7.30 -10.78 -9.15
CA GLN A 210 -6.03 -11.02 -9.82
C GLN A 210 -4.79 -10.44 -9.16
N THR A 211 -4.97 -9.63 -8.12
CA THR A 211 -3.84 -9.07 -7.40
C THR A 211 -3.35 -10.16 -6.43
N PHE A 212 -4.24 -11.09 -6.08
CA PHE A 212 -3.89 -12.19 -5.19
C PHE A 212 -2.74 -12.99 -5.75
N PRO A 213 -1.83 -13.45 -4.90
CA PRO A 213 -0.71 -14.23 -5.42
C PRO A 213 -1.19 -15.59 -5.90
N GLY A 214 -0.84 -15.94 -7.14
CA GLY A 214 -1.23 -17.24 -7.68
C GLY A 214 -2.55 -17.29 -8.42
N ILE A 215 -3.18 -16.14 -8.58
CA ILE A 215 -4.47 -16.08 -9.28
C ILE A 215 -4.40 -15.16 -10.50
N GLY A 216 -4.38 -15.77 -11.68
CA GLY A 216 -4.32 -15.03 -12.93
C GLY A 216 -5.73 -14.83 -13.43
N ARG A 217 -5.84 -14.41 -14.68
CA ARG A 217 -7.13 -14.16 -15.30
C ARG A 217 -7.99 -15.43 -15.48
N TRP A 218 -7.36 -16.57 -15.77
CA TRP A 218 -8.12 -17.82 -15.95
C TRP A 218 -8.84 -18.18 -14.64
N THR A 219 -8.10 -18.20 -13.54
CA THR A 219 -8.65 -18.54 -12.24
C THR A 219 -9.72 -17.56 -11.76
N ALA A 220 -9.47 -16.27 -11.92
CA ALA A 220 -10.44 -15.27 -11.49
C ALA A 220 -11.75 -15.45 -12.28
N ASN A 221 -11.62 -15.63 -13.59
CA ASN A 221 -12.76 -15.85 -14.48
C ASN A 221 -13.51 -17.12 -14.10
N TYR A 222 -12.79 -18.24 -14.05
CA TYR A 222 -13.40 -19.52 -13.71
C TYR A 222 -14.05 -19.51 -12.33
N PHE A 223 -13.43 -18.80 -11.39
CA PHE A 223 -13.95 -18.69 -10.03
C PHE A 223 -15.24 -17.87 -10.01
N ALA A 224 -15.28 -16.82 -10.83
CA ALA A 224 -16.43 -15.95 -10.92
C ALA A 224 -17.59 -16.76 -11.47
N LEU A 225 -17.28 -17.59 -12.46
CA LEU A 225 -18.28 -18.42 -13.10
C LEU A 225 -18.88 -19.44 -12.13
N ARG A 226 -18.01 -20.19 -11.47
CA ARG A 226 -18.44 -21.23 -10.54
C ARG A 226 -18.68 -20.75 -9.12
N GLY A 227 -17.79 -19.91 -8.62
CA GLY A 227 -17.92 -19.42 -7.25
C GLY A 227 -19.04 -18.42 -7.06
N TRP A 228 -19.32 -17.62 -8.09
CA TRP A 228 -20.39 -16.62 -7.99
C TRP A 228 -21.58 -16.91 -8.90
N GLN A 229 -21.41 -17.88 -9.80
CA GLN A 229 -22.43 -18.20 -10.77
C GLN A 229 -22.67 -16.95 -11.64
N ALA A 230 -21.59 -16.26 -11.99
CA ALA A 230 -21.68 -15.07 -12.85
C ALA A 230 -22.10 -15.66 -14.19
N LYS A 231 -23.18 -15.14 -14.77
CA LYS A 231 -23.72 -15.68 -16.02
C LYS A 231 -23.16 -15.15 -17.32
N ASP A 232 -22.36 -14.09 -17.24
CA ASP A 232 -21.84 -13.50 -18.46
C ASP A 232 -20.32 -13.39 -18.52
N VAL A 233 -19.63 -14.52 -18.40
CA VAL A 233 -18.18 -14.51 -18.43
C VAL A 233 -17.65 -15.63 -19.31
N PHE A 234 -16.66 -15.34 -20.15
CA PHE A 234 -16.10 -16.37 -20.99
C PHE A 234 -14.70 -16.72 -20.50
N LEU A 235 -14.17 -17.85 -20.94
CA LEU A 235 -12.83 -18.28 -20.54
C LEU A 235 -11.92 -18.38 -21.76
N PRO A 236 -11.59 -17.23 -22.36
CA PRO A 236 -10.73 -17.13 -23.55
C PRO A 236 -9.32 -17.70 -23.38
N ASP A 237 -8.98 -18.06 -22.15
CA ASP A 237 -7.66 -18.63 -21.87
C ASP A 237 -7.76 -20.10 -21.53
N ASP A 238 -8.98 -20.63 -21.48
CA ASP A 238 -9.14 -22.04 -21.14
C ASP A 238 -8.44 -22.95 -22.14
N TYR A 239 -7.89 -24.04 -21.63
CA TYR A 239 -7.19 -25.02 -22.46
C TYR A 239 -8.06 -25.53 -23.60
N LEU A 240 -9.26 -25.97 -23.26
CA LEU A 240 -10.19 -26.49 -24.25
C LEU A 240 -10.75 -25.40 -25.16
N ILE A 241 -11.03 -24.22 -24.60
CA ILE A 241 -11.57 -23.12 -25.40
C ILE A 241 -10.61 -22.67 -26.51
N LYS A 242 -9.30 -22.74 -26.25
CA LYS A 242 -8.34 -22.34 -27.26
C LYS A 242 -8.36 -23.36 -28.40
N GLN A 243 -8.65 -24.61 -28.06
CA GLN A 243 -8.73 -25.66 -29.07
C GLN A 243 -10.00 -25.46 -29.90
N ARG A 244 -11.05 -24.97 -29.27
CA ARG A 244 -12.32 -24.72 -29.95
C ARG A 244 -12.20 -23.57 -30.93
N PHE A 245 -11.32 -22.61 -30.63
CA PHE A 245 -11.10 -21.49 -31.53
C PHE A 245 -9.65 -21.62 -32.02
N PRO A 246 -9.35 -22.63 -32.85
CA PRO A 246 -8.01 -22.87 -33.39
C PRO A 246 -7.38 -21.67 -34.08
N GLY A 247 -6.15 -21.36 -33.69
CA GLY A 247 -5.43 -20.25 -34.29
C GLY A 247 -5.92 -18.87 -33.91
N MET A 248 -6.58 -18.75 -32.76
CA MET A 248 -7.07 -17.46 -32.32
C MET A 248 -6.46 -16.99 -31.01
N THR A 249 -6.19 -15.69 -30.94
CA THR A 249 -5.59 -15.08 -29.76
C THR A 249 -6.67 -14.74 -28.74
N PRO A 250 -6.32 -14.78 -27.44
CA PRO A 250 -7.24 -14.47 -26.35
C PRO A 250 -8.24 -13.34 -26.61
N ALA A 251 -7.78 -12.23 -27.20
CA ALA A 251 -8.69 -11.13 -27.47
C ALA A 251 -9.65 -11.41 -28.62
N GLN A 252 -9.19 -12.21 -29.58
CA GLN A 252 -10.05 -12.55 -30.70
C GLN A 252 -11.20 -13.35 -30.13
N ILE A 253 -10.84 -14.40 -29.40
CA ILE A 253 -11.84 -15.25 -28.79
C ILE A 253 -12.92 -14.47 -28.03
N ARG A 254 -12.58 -13.34 -27.42
CA ARG A 254 -13.62 -12.60 -26.69
C ARG A 254 -14.42 -11.59 -27.55
N ARG A 255 -13.83 -11.00 -28.57
CA ARG A 255 -14.62 -10.09 -29.43
C ARG A 255 -15.65 -11.02 -30.04
N TYR A 256 -15.24 -12.27 -30.27
CA TYR A 256 -16.12 -13.30 -30.83
C TYR A 256 -17.19 -13.67 -29.76
N ALA A 257 -16.73 -14.02 -28.56
CA ALA A 257 -17.65 -14.40 -27.48
C ALA A 257 -18.69 -13.32 -27.18
N GLU A 258 -18.39 -12.09 -27.58
CA GLU A 258 -19.28 -10.94 -27.35
C GLU A 258 -20.70 -11.13 -27.87
N ARG A 259 -20.83 -11.87 -28.95
CA ARG A 259 -22.14 -12.12 -29.53
C ARG A 259 -23.09 -12.82 -28.55
N TRP A 260 -22.54 -13.56 -27.60
CA TRP A 260 -23.36 -14.30 -26.64
C TRP A 260 -23.75 -13.53 -25.38
N LYS A 261 -23.40 -12.25 -25.32
CA LYS A 261 -23.74 -11.42 -24.18
C LYS A 261 -25.27 -11.39 -24.12
N PRO A 262 -25.86 -11.38 -22.90
CA PRO A 262 -25.26 -11.40 -21.57
C PRO A 262 -25.30 -12.80 -20.90
N TRP A 263 -25.14 -13.84 -21.70
CA TRP A 263 -25.14 -15.21 -21.20
C TRP A 263 -23.89 -15.92 -21.71
N ARG A 264 -22.75 -15.25 -21.64
CA ARG A 264 -21.51 -15.88 -22.10
C ARG A 264 -21.09 -17.09 -21.28
N SER A 265 -21.53 -17.16 -20.03
CA SER A 265 -21.20 -18.28 -19.19
C SER A 265 -21.85 -19.53 -19.76
N TYR A 266 -23.10 -19.37 -20.20
CA TYR A 266 -23.84 -20.48 -20.80
C TYR A 266 -23.25 -20.87 -22.15
N ALA A 267 -22.85 -19.89 -22.96
CA ALA A 267 -22.24 -20.20 -24.26
C ALA A 267 -20.99 -21.00 -24.00
N LEU A 268 -20.21 -20.57 -23.01
CA LEU A 268 -18.96 -21.24 -22.64
C LEU A 268 -19.22 -22.73 -22.39
N LEU A 269 -20.18 -23.03 -21.52
CA LEU A 269 -20.53 -24.41 -21.19
C LEU A 269 -20.95 -25.24 -22.40
N HIS A 270 -21.75 -24.66 -23.29
CA HIS A 270 -22.20 -25.40 -24.45
C HIS A 270 -21.06 -25.80 -25.36
N ILE A 271 -20.12 -24.87 -25.56
CA ILE A 271 -18.95 -25.07 -26.40
C ILE A 271 -18.07 -26.18 -25.82
N TRP A 272 -17.83 -26.13 -24.52
CA TRP A 272 -17.04 -27.17 -23.87
C TRP A 272 -17.68 -28.50 -24.19
N TYR A 273 -19.01 -28.53 -24.17
CA TYR A 273 -19.73 -29.77 -24.43
C TYR A 273 -20.31 -30.00 -25.82
N THR A 274 -19.73 -29.35 -26.82
CA THR A 274 -20.15 -29.53 -28.21
C THR A 274 -18.89 -30.12 -28.83
N GLU A 275 -18.87 -31.42 -29.09
CA GLU A 275 -17.67 -32.08 -29.61
C GLU A 275 -16.99 -31.52 -30.86
N GLY A 276 -17.76 -31.23 -31.89
CA GLY A 276 -17.15 -30.73 -33.11
C GLY A 276 -17.43 -29.28 -33.42
N TRP A 277 -17.66 -28.49 -32.38
CA TRP A 277 -17.93 -27.10 -32.57
C TRP A 277 -16.72 -26.38 -33.15
N GLN A 278 -17.00 -25.35 -33.92
CA GLN A 278 -15.96 -24.53 -34.52
C GLN A 278 -16.58 -23.21 -34.94
N PRO A 279 -15.81 -22.12 -34.85
CA PRO A 279 -16.34 -20.81 -35.24
C PRO A 279 -17.00 -20.84 -36.60
N ASP A 280 -18.10 -20.11 -36.74
CA ASP A 280 -18.87 -20.04 -37.98
C ASP A 280 -18.00 -19.93 -39.23
N GLU A 281 -18.45 -20.58 -40.31
CA GLU A 281 -17.79 -20.53 -41.60
C GLU A 281 -18.20 -19.20 -42.24
N ALA A 282 -18.00 -18.11 -41.50
CA ALA A 282 -18.37 -16.78 -41.97
C ALA A 282 -17.24 -16.16 -42.78
N MET B 1 41.03 30.94 -6.96
CA MET B 1 40.81 30.94 -5.48
C MET B 1 41.00 29.53 -4.92
N TYR B 2 40.01 28.67 -5.12
CA TYR B 2 40.10 27.29 -4.66
C TYR B 2 40.59 26.45 -5.81
N THR B 3 41.24 25.35 -5.51
CA THR B 3 41.75 24.49 -6.57
C THR B 3 41.46 23.01 -6.27
N LEU B 4 41.08 22.28 -7.32
CA LEU B 4 40.79 20.86 -7.21
C LEU B 4 41.62 20.12 -8.26
N ASN B 5 42.06 18.90 -7.93
CA ASN B 5 42.87 18.09 -8.83
C ASN B 5 42.05 17.12 -9.70
N TRP B 6 42.67 16.64 -10.77
CA TRP B 6 42.05 15.69 -11.68
C TRP B 6 43.17 14.82 -12.22
N GLN B 7 42.79 13.66 -12.71
CA GLN B 7 43.74 12.72 -13.26
C GLN B 7 43.71 12.80 -14.79
N PRO B 8 44.87 13.06 -15.40
CA PRO B 8 44.95 13.16 -16.86
C PRO B 8 44.79 11.77 -17.47
N PRO B 9 44.33 11.70 -18.73
CA PRO B 9 43.98 12.84 -19.58
C PRO B 9 42.56 13.33 -19.30
N TYR B 10 42.27 14.57 -19.71
CA TYR B 10 40.96 15.17 -19.53
C TYR B 10 40.61 16.06 -20.74
N ASP B 11 39.61 15.65 -21.51
CA ASP B 11 39.21 16.40 -22.71
C ASP B 11 38.32 17.57 -22.32
N TRP B 12 38.94 18.70 -22.02
CA TRP B 12 38.19 19.89 -21.63
C TRP B 12 37.42 20.54 -22.76
N SER B 13 37.94 20.45 -23.97
CA SER B 13 37.26 21.03 -25.13
C SER B 13 35.93 20.30 -25.33
N TRP B 14 35.98 18.98 -25.27
CA TRP B 14 34.77 18.17 -25.44
C TRP B 14 33.77 18.44 -24.31
N MET B 15 34.26 18.46 -23.07
CA MET B 15 33.41 18.70 -21.91
C MET B 15 32.72 20.07 -21.95
N LEU B 16 33.49 21.12 -22.23
CA LEU B 16 32.91 22.45 -22.28
C LEU B 16 31.95 22.56 -23.46
N GLY B 17 32.23 21.81 -24.52
CA GLY B 17 31.36 21.83 -25.67
C GLY B 17 30.02 21.19 -25.35
N PHE B 18 30.04 20.14 -24.53
CA PHE B 18 28.82 19.45 -24.13
C PHE B 18 27.93 20.38 -23.30
N LEU B 19 28.54 21.04 -22.33
CA LEU B 19 27.84 21.98 -21.46
C LEU B 19 27.37 23.25 -22.20
N ALA B 20 28.14 23.68 -23.21
CA ALA B 20 27.78 24.88 -23.97
C ALA B 20 26.51 24.66 -24.81
N ALA B 21 26.36 23.48 -25.41
CA ALA B 21 25.18 23.22 -26.22
C ALA B 21 23.92 23.14 -25.35
N ARG B 22 24.09 22.87 -24.07
CA ARG B 22 22.92 22.76 -23.19
C ARG B 22 22.82 23.94 -22.22
N ALA B 23 23.70 24.92 -22.41
CA ALA B 23 23.74 26.10 -21.57
C ALA B 23 22.39 26.81 -21.53
N VAL B 24 21.98 27.19 -20.32
CA VAL B 24 20.71 27.88 -20.10
C VAL B 24 20.93 29.37 -19.83
N SER B 25 20.49 30.18 -20.78
CA SER B 25 20.62 31.62 -20.69
C SER B 25 20.16 32.12 -19.33
N SER B 26 20.95 33.01 -18.73
CA SER B 26 20.64 33.57 -17.42
C SER B 26 21.12 32.71 -16.26
N VAL B 27 21.34 31.42 -16.52
CA VAL B 27 21.81 30.53 -15.46
C VAL B 27 23.32 30.26 -15.55
N GLU B 28 23.77 29.86 -16.74
CA GLU B 28 25.19 29.55 -16.94
C GLU B 28 25.82 30.18 -18.17
N THR B 29 27.14 30.41 -18.10
CA THR B 29 27.86 30.99 -19.22
C THR B 29 29.01 30.04 -19.50
N VAL B 30 29.10 29.55 -20.73
CA VAL B 30 30.17 28.65 -21.06
C VAL B 30 31.05 29.25 -22.14
N ALA B 31 32.36 29.18 -21.94
CA ALA B 31 33.31 29.73 -22.91
C ALA B 31 34.43 28.73 -23.14
N ASP B 32 35.34 29.08 -24.03
CA ASP B 32 36.46 28.22 -24.36
C ASP B 32 37.33 27.85 -23.17
N SER B 33 37.51 28.78 -22.24
CA SER B 33 38.37 28.52 -21.11
C SER B 33 37.75 28.56 -19.72
N TYR B 34 36.43 28.70 -19.64
CA TYR B 34 35.78 28.70 -18.34
C TYR B 34 34.30 28.36 -18.40
N TYR B 35 33.72 28.17 -17.22
CA TYR B 35 32.33 27.82 -17.04
C TYR B 35 31.85 28.58 -15.82
N ALA B 36 30.71 29.24 -15.94
CA ALA B 36 30.19 30.01 -14.80
C ALA B 36 28.69 29.92 -14.73
N ARG B 37 28.15 29.94 -13.51
CA ARG B 37 26.72 29.87 -13.33
C ARG B 37 26.28 30.34 -11.95
N SER B 38 24.98 30.52 -11.81
CA SER B 38 24.40 30.89 -10.54
C SER B 38 24.38 29.62 -9.70
N LEU B 39 24.37 29.77 -8.38
CA LEU B 39 24.34 28.62 -7.49
C LEU B 39 23.63 28.99 -6.19
N ALA B 40 22.73 28.12 -5.76
CA ALA B 40 22.02 28.37 -4.52
C ALA B 40 22.16 27.15 -3.62
N VAL B 41 22.72 27.37 -2.44
CA VAL B 41 22.90 26.33 -1.45
C VAL B 41 22.17 26.92 -0.23
N GLY B 42 20.90 26.58 -0.08
CA GLY B 42 20.11 27.12 1.01
C GLY B 42 19.82 28.57 0.72
N GLU B 43 20.12 29.47 1.64
CA GLU B 43 19.87 30.89 1.42
C GLU B 43 21.13 31.62 0.96
N TYR B 44 22.16 30.86 0.62
CA TYR B 44 23.40 31.46 0.14
C TYR B 44 23.37 31.40 -1.38
N ARG B 45 23.55 32.56 -2.01
CA ARG B 45 23.51 32.64 -3.46
C ARG B 45 24.72 33.37 -4.05
N GLY B 46 25.01 33.09 -5.31
CA GLY B 46 26.14 33.73 -5.95
C GLY B 46 26.50 33.13 -7.28
N VAL B 47 27.74 33.40 -7.70
CA VAL B 47 28.24 32.91 -8.97
C VAL B 47 29.50 32.09 -8.78
N VAL B 48 29.56 30.91 -9.40
CA VAL B 48 30.73 30.06 -9.34
C VAL B 48 31.41 30.10 -10.68
N THR B 49 32.74 30.15 -10.69
CA THR B 49 33.50 30.20 -11.93
C THR B 49 34.50 29.05 -11.92
N ALA B 50 34.58 28.32 -13.02
CA ALA B 50 35.49 27.19 -13.10
C ALA B 50 36.39 27.36 -14.31
N ILE B 51 37.71 27.39 -14.05
CA ILE B 51 38.71 27.58 -15.08
C ILE B 51 39.70 26.42 -15.06
N PRO B 52 39.68 25.58 -16.10
CA PRO B 52 40.64 24.46 -16.07
C PRO B 52 42.08 24.95 -16.29
N ASP B 53 43.00 24.31 -15.57
CA ASP B 53 44.41 24.64 -15.68
C ASP B 53 45.08 23.37 -16.18
N ILE B 54 45.34 23.32 -17.48
CA ILE B 54 45.96 22.15 -18.10
C ILE B 54 47.39 21.85 -17.64
N ALA B 55 48.16 22.90 -17.41
CA ALA B 55 49.55 22.74 -16.97
C ALA B 55 49.65 22.00 -15.63
N ARG B 56 48.80 22.37 -14.67
CA ARG B 56 48.82 21.72 -13.35
C ARG B 56 47.85 20.53 -13.14
N HIS B 57 46.94 20.29 -14.09
CA HIS B 57 45.94 19.19 -13.98
C HIS B 57 45.10 19.61 -12.79
N THR B 58 44.64 20.83 -12.85
CA THR B 58 43.96 21.40 -11.76
C THR B 58 42.72 22.17 -12.25
N LEU B 59 41.71 22.33 -11.40
CA LEU B 59 40.54 23.14 -11.77
C LEU B 59 40.46 24.28 -10.74
N HIS B 60 40.40 25.51 -11.23
CA HIS B 60 40.32 26.65 -10.33
C HIS B 60 38.86 27.09 -10.20
N ILE B 61 38.40 27.21 -8.96
CA ILE B 61 37.04 27.58 -8.66
C ILE B 61 36.97 28.89 -7.89
N ASN B 62 36.17 29.84 -8.37
CA ASN B 62 36.00 31.10 -7.68
C ASN B 62 34.54 31.22 -7.27
N LEU B 63 34.29 31.65 -6.04
CA LEU B 63 32.93 31.84 -5.54
C LEU B 63 32.68 33.30 -5.19
N SER B 64 31.55 33.85 -5.63
CA SER B 64 31.22 35.23 -5.28
C SER B 64 31.09 35.25 -3.75
N ALA B 65 31.04 36.44 -3.16
CA ALA B 65 30.96 36.58 -1.70
C ALA B 65 29.84 35.82 -0.99
N GLY B 66 28.66 35.79 -1.58
CA GLY B 66 27.54 35.11 -0.94
C GLY B 66 27.60 33.59 -0.78
N LEU B 67 28.55 32.94 -1.43
CA LEU B 67 28.66 31.47 -1.34
C LEU B 67 29.78 30.97 -0.43
N GLU B 68 30.62 31.88 0.05
CA GLU B 68 31.73 31.49 0.91
C GLU B 68 31.38 30.65 2.14
N PRO B 69 30.28 30.98 2.84
CA PRO B 69 29.88 30.22 4.02
C PRO B 69 29.72 28.72 3.77
N VAL B 70 29.36 28.38 2.53
CA VAL B 70 29.16 26.97 2.15
C VAL B 70 30.05 26.62 0.96
N ALA B 71 31.27 27.12 1.00
CA ALA B 71 32.24 26.91 -0.07
C ALA B 71 32.53 25.42 -0.34
N ALA B 72 32.71 24.63 0.72
CA ALA B 72 33.01 23.23 0.52
C ALA B 72 31.94 22.52 -0.32
N GLU B 73 30.67 22.78 -0.03
CA GLU B 73 29.63 22.14 -0.79
C GLU B 73 29.62 22.63 -2.23
N CYS B 74 30.03 23.88 -2.45
CA CYS B 74 30.09 24.42 -3.81
C CYS B 74 31.19 23.68 -4.55
N LEU B 75 32.29 23.41 -3.87
CA LEU B 75 33.39 22.69 -4.48
C LEU B 75 32.92 21.27 -4.86
N ALA B 76 32.25 20.60 -3.93
CA ALA B 76 31.73 19.24 -4.14
C ALA B 76 30.79 19.22 -5.34
N LYS B 77 29.89 20.19 -5.42
CA LYS B 77 28.97 20.28 -6.54
C LYS B 77 29.73 20.36 -7.87
N MET B 78 30.79 21.16 -7.90
CA MET B 78 31.62 21.33 -9.09
C MET B 78 32.38 20.05 -9.45
N SER B 79 32.79 19.29 -8.43
CA SER B 79 33.53 18.05 -8.71
C SER B 79 32.61 16.98 -9.29
N ARG B 80 31.32 17.06 -8.98
CA ARG B 80 30.38 16.08 -9.51
C ARG B 80 29.98 16.46 -10.92
N LEU B 81 29.98 17.76 -11.20
CA LEU B 81 29.63 18.24 -12.54
C LEU B 81 30.74 17.91 -13.53
N PHE B 82 31.98 18.04 -13.10
CA PHE B 82 33.12 17.78 -13.98
C PHE B 82 33.80 16.41 -13.82
N ASP B 83 33.18 15.51 -13.05
CA ASP B 83 33.70 14.15 -12.90
C ASP B 83 35.19 14.11 -12.55
N LEU B 84 35.56 14.95 -11.60
CA LEU B 84 36.94 15.05 -11.14
C LEU B 84 37.52 13.74 -10.58
N GLN B 85 36.64 12.88 -10.08
CA GLN B 85 37.05 11.60 -9.50
C GLN B 85 37.59 10.56 -10.49
N CYS B 86 37.19 10.68 -11.75
CA CYS B 86 37.57 9.71 -12.76
C CYS B 86 39.04 9.41 -12.98
N ASN B 87 39.35 8.13 -12.95
CA ASN B 87 40.69 7.64 -13.22
C ASN B 87 40.52 7.02 -14.61
N PRO B 88 40.85 7.77 -15.67
CA PRO B 88 40.73 7.31 -17.05
C PRO B 88 41.47 6.03 -17.41
N GLN B 89 42.56 5.73 -16.69
CA GLN B 89 43.26 4.49 -17.01
C GLN B 89 42.43 3.29 -16.69
N ILE B 90 41.68 3.36 -15.59
CA ILE B 90 40.83 2.23 -15.19
C ILE B 90 39.69 2.07 -16.17
N VAL B 91 39.09 3.18 -16.57
CA VAL B 91 37.98 3.11 -17.50
C VAL B 91 38.42 2.72 -18.89
N ASN B 92 39.51 3.31 -19.37
CA ASN B 92 40.00 2.98 -20.69
C ASN B 92 40.68 1.62 -20.69
N GLY B 93 41.22 1.23 -19.54
CA GLY B 93 41.86 -0.07 -19.46
C GLY B 93 40.81 -1.15 -19.63
N ALA B 94 39.55 -0.78 -19.35
CA ALA B 94 38.44 -1.73 -19.45
C ALA B 94 37.63 -1.62 -20.74
N LEU B 95 37.25 -0.40 -21.14
CA LEU B 95 36.50 -0.22 -22.37
C LEU B 95 37.27 -0.59 -23.64
N GLY B 96 38.56 -0.89 -23.49
CA GLY B 96 39.38 -1.27 -24.62
C GLY B 96 39.43 -0.28 -25.77
N ARG B 97 39.26 -0.77 -26.99
CA ARG B 97 39.31 0.10 -28.17
C ARG B 97 38.25 1.19 -28.19
N LEU B 98 37.11 0.88 -27.60
CA LEU B 98 35.98 1.80 -27.57
C LEU B 98 36.34 3.25 -27.19
N GLY B 99 37.18 3.42 -26.18
CA GLY B 99 37.53 4.76 -25.78
C GLY B 99 38.96 5.16 -26.07
N ALA B 100 39.63 4.42 -26.94
CA ALA B 100 41.02 4.71 -27.26
C ALA B 100 41.20 6.01 -28.01
N ALA B 101 40.18 6.43 -28.75
CA ALA B 101 40.25 7.67 -29.53
C ALA B 101 39.97 8.97 -28.77
N ARG B 102 39.33 8.87 -27.61
CA ARG B 102 39.03 10.04 -26.77
C ARG B 102 39.19 9.63 -25.31
N PRO B 103 40.42 9.28 -24.89
CA PRO B 103 40.71 8.86 -23.52
C PRO B 103 40.41 9.87 -22.41
N GLY B 104 40.19 11.12 -22.77
CA GLY B 104 39.91 12.16 -21.78
C GLY B 104 38.43 12.48 -21.58
N LEU B 105 37.58 11.66 -22.21
CA LEU B 105 36.13 11.77 -22.14
C LEU B 105 35.72 11.67 -20.67
N ARG B 106 34.79 12.51 -20.23
CA ARG B 106 34.31 12.48 -18.84
C ARG B 106 32.79 12.44 -18.82
N LEU B 107 32.23 12.10 -17.67
CA LEU B 107 30.78 12.06 -17.53
C LEU B 107 30.27 13.41 -17.07
N PRO B 108 29.51 14.11 -17.93
CA PRO B 108 29.00 15.42 -17.51
C PRO B 108 27.90 15.22 -16.48
N GLY B 109 28.16 15.67 -15.27
CA GLY B 109 27.18 15.52 -14.22
C GLY B 109 26.27 16.72 -14.06
N CYS B 110 25.97 17.08 -12.82
CA CYS B 110 25.11 18.21 -12.57
C CYS B 110 25.54 18.83 -11.27
N VAL B 111 24.87 19.89 -10.87
CA VAL B 111 25.26 20.58 -9.65
C VAL B 111 24.10 20.52 -8.64
N ASP B 112 23.00 19.87 -9.06
CA ASP B 112 21.77 19.69 -8.25
C ASP B 112 20.87 18.67 -8.96
N ALA B 113 20.54 17.59 -8.26
CA ALA B 113 19.71 16.53 -8.85
C ALA B 113 18.31 16.99 -9.25
N PHE B 114 17.66 17.79 -8.42
CA PHE B 114 16.34 18.29 -8.77
C PHE B 114 16.47 19.01 -10.10
N GLU B 115 17.30 20.06 -10.13
CA GLU B 115 17.48 20.81 -11.35
C GLU B 115 17.68 19.89 -12.52
N GLN B 116 18.49 18.86 -12.30
CA GLN B 116 18.80 17.90 -13.37
C GLN B 116 17.57 17.09 -13.77
N GLY B 117 16.72 16.79 -12.80
CA GLY B 117 15.52 16.04 -13.11
C GLY B 117 14.64 16.90 -14.00
N VAL B 118 14.64 18.20 -13.71
CA VAL B 118 13.83 19.11 -14.50
C VAL B 118 14.32 19.19 -15.94
N ARG B 119 15.64 19.17 -16.11
CA ARG B 119 16.23 19.25 -17.44
C ARG B 119 15.98 17.97 -18.20
N ALA B 120 15.95 16.85 -17.50
CA ALA B 120 15.73 15.57 -18.15
C ALA B 120 14.32 15.55 -18.71
N ILE B 121 13.38 16.07 -17.93
CA ILE B 121 11.98 16.12 -18.34
C ILE B 121 11.85 17.05 -19.53
N LEU B 122 12.41 18.26 -19.40
CA LEU B 122 12.35 19.25 -20.46
C LEU B 122 13.11 18.89 -21.72
N GLY B 123 13.91 17.83 -21.66
CA GLY B 123 14.66 17.42 -22.83
C GLY B 123 13.99 16.27 -23.56
N GLN B 124 12.76 15.95 -23.17
CA GLN B 124 12.01 14.86 -23.78
C GLN B 124 11.46 15.20 -25.17
N LEU B 125 11.70 14.31 -26.13
CA LEU B 125 11.22 14.46 -27.50
C LEU B 125 11.43 15.86 -28.11
N VAL B 126 12.58 16.46 -27.84
CA VAL B 126 12.90 17.79 -28.38
C VAL B 126 14.41 17.86 -28.70
N SER B 127 14.83 18.96 -29.31
CA SER B 127 16.24 19.13 -29.66
C SER B 127 17.00 19.77 -28.50
N VAL B 128 18.30 19.49 -28.43
CA VAL B 128 19.13 20.07 -27.38
C VAL B 128 18.85 21.58 -27.27
N ALA B 129 18.87 22.28 -28.41
CA ALA B 129 18.63 23.73 -28.43
C ALA B 129 17.26 24.12 -27.86
N MET B 130 16.21 23.42 -28.29
CA MET B 130 14.88 23.71 -27.80
C MET B 130 14.77 23.51 -26.30
N ALA B 131 15.28 22.37 -25.82
CA ALA B 131 15.25 22.08 -24.39
C ALA B 131 15.91 23.22 -23.63
N ALA B 132 17.03 23.71 -24.16
CA ALA B 132 17.77 24.79 -23.53
C ALA B 132 16.94 26.05 -23.46
N LYS B 133 16.29 26.38 -24.56
CA LYS B 133 15.48 27.58 -24.59
C LYS B 133 14.25 27.39 -23.70
N LEU B 134 13.71 26.18 -23.73
CA LEU B 134 12.56 25.85 -22.90
C LEU B 134 12.94 26.03 -21.43
N THR B 135 14.03 25.41 -21.02
CA THR B 135 14.49 25.49 -19.63
C THR B 135 14.74 26.94 -19.22
N ALA B 136 15.29 27.72 -20.13
CA ALA B 136 15.59 29.12 -19.85
C ALA B 136 14.33 29.91 -19.55
N ARG B 137 13.27 29.64 -20.30
CA ARG B 137 12.01 30.34 -20.08
C ARG B 137 11.50 29.98 -18.70
N VAL B 138 11.63 28.71 -18.33
CA VAL B 138 11.21 28.26 -17.01
C VAL B 138 12.02 29.00 -15.97
N ALA B 139 13.32 29.11 -16.24
CA ALA B 139 14.23 29.79 -15.31
C ALA B 139 13.86 31.23 -15.03
N GLN B 140 13.66 32.03 -16.08
CA GLN B 140 13.33 33.44 -15.86
C GLN B 140 11.99 33.60 -15.15
N LEU B 141 11.05 32.73 -15.46
CA LEU B 141 9.73 32.79 -14.85
C LEU B 141 9.65 32.41 -13.37
N TYR B 142 10.43 31.43 -12.93
CA TYR B 142 10.36 31.01 -11.53
C TYR B 142 11.63 31.05 -10.72
N GLY B 143 12.65 31.71 -11.25
CA GLY B 143 13.92 31.79 -10.56
C GLY B 143 14.15 32.99 -9.68
N GLU B 144 15.35 33.02 -9.13
CA GLU B 144 15.88 34.05 -8.22
C GLU B 144 17.02 34.88 -8.83
N ARG B 145 16.78 36.17 -8.97
CA ARG B 145 17.77 37.08 -9.53
C ARG B 145 18.82 37.45 -8.49
N LEU B 146 20.09 37.29 -8.85
CA LEU B 146 21.17 37.66 -7.94
C LEU B 146 21.25 39.18 -7.94
N ASP B 147 21.22 39.78 -6.76
CA ASP B 147 21.30 41.24 -6.64
C ASP B 147 22.69 41.73 -7.02
N ASP B 148 23.70 40.93 -6.69
CA ASP B 148 25.09 41.30 -7.00
C ASP B 148 25.47 41.08 -8.47
N PHE B 149 24.72 40.24 -9.16
CA PHE B 149 25.00 39.94 -10.57
C PHE B 149 23.68 39.82 -11.32
N PRO B 150 23.01 40.96 -11.55
CA PRO B 150 21.73 41.13 -12.23
C PRO B 150 21.45 40.22 -13.42
N GLU B 151 22.48 39.85 -14.18
CA GLU B 151 22.22 38.99 -15.34
C GLU B 151 22.08 37.51 -14.98
N TYR B 152 22.31 37.17 -13.73
CA TYR B 152 22.21 35.78 -13.30
C TYR B 152 21.00 35.50 -12.42
N ILE B 153 20.26 34.47 -12.79
CA ILE B 153 19.10 34.03 -12.03
C ILE B 153 19.38 32.61 -11.54
N CYS B 154 19.04 32.32 -10.29
CA CYS B 154 19.24 31.00 -9.71
C CYS B 154 18.15 30.07 -10.24
N PHE B 155 18.51 28.82 -10.55
CA PHE B 155 17.54 27.86 -11.05
C PHE B 155 16.36 27.71 -10.09
N PRO B 156 15.13 27.55 -10.61
CA PRO B 156 13.91 27.40 -9.80
C PRO B 156 13.96 26.37 -8.66
N THR B 157 13.60 26.81 -7.46
CA THR B 157 13.57 25.92 -6.30
C THR B 157 12.35 25.00 -6.41
N PRO B 158 12.35 23.87 -5.69
CA PRO B 158 11.23 22.93 -5.72
C PRO B 158 9.94 23.56 -5.15
N GLN B 159 10.09 24.35 -4.10
CA GLN B 159 8.97 25.03 -3.45
C GLN B 159 8.28 25.95 -4.45
N ARG B 160 9.10 26.70 -5.17
CA ARG B 160 8.57 27.66 -6.14
C ARG B 160 7.92 26.98 -7.34
N LEU B 161 8.54 25.89 -7.79
CA LEU B 161 8.03 25.16 -8.95
C LEU B 161 6.89 24.20 -8.63
N ALA B 162 6.73 23.83 -7.37
CA ALA B 162 5.65 22.92 -7.00
C ALA B 162 4.35 23.71 -6.90
N ALA B 163 4.49 25.00 -6.66
CA ALA B 163 3.35 25.90 -6.53
C ALA B 163 3.06 26.66 -7.82
N ALA B 164 3.51 26.11 -8.93
CA ALA B 164 3.30 26.75 -10.22
C ALA B 164 2.01 26.26 -10.89
N ASP B 165 1.42 27.14 -11.69
CA ASP B 165 0.20 26.83 -12.42
C ASP B 165 0.54 26.03 -13.68
N PRO B 166 0.12 24.75 -13.74
CA PRO B 166 0.37 23.84 -14.87
C PRO B 166 0.16 24.50 -16.21
N GLN B 167 -0.68 25.54 -16.22
CA GLN B 167 -1.00 26.29 -17.44
C GLN B 167 0.03 27.36 -17.73
N ALA B 168 0.55 28.05 -16.69
CA ALA B 168 1.57 29.08 -16.93
C ALA B 168 2.81 28.45 -17.55
N LEU B 169 3.03 27.16 -17.25
CA LEU B 169 4.17 26.41 -17.79
C LEU B 169 3.90 25.93 -19.21
N LYS B 170 2.72 25.36 -19.45
CA LYS B 170 2.37 24.88 -20.77
C LYS B 170 2.59 26.02 -21.77
N ALA B 171 2.25 27.23 -21.32
CA ALA B 171 2.38 28.43 -22.13
C ALA B 171 3.82 28.77 -22.52
N LEU B 172 4.79 28.05 -21.96
CA LEU B 172 6.19 28.31 -22.26
C LEU B 172 6.68 27.47 -23.43
N GLY B 173 5.88 26.47 -23.82
CA GLY B 173 6.27 25.63 -24.93
C GLY B 173 6.34 24.15 -24.60
N MET B 174 5.44 23.69 -23.73
CA MET B 174 5.41 22.28 -23.35
C MET B 174 4.00 21.77 -23.13
N PRO B 175 3.78 20.47 -23.36
CA PRO B 175 2.48 19.81 -23.19
C PRO B 175 1.95 20.00 -21.78
N LEU B 176 0.70 19.61 -21.55
CA LEU B 176 0.11 19.73 -20.22
C LEU B 176 0.69 18.66 -19.31
N LYS B 177 0.95 17.49 -19.88
CA LYS B 177 1.51 16.38 -19.12
C LYS B 177 2.97 16.62 -18.75
N ARG B 178 3.67 17.36 -19.59
CA ARG B 178 5.07 17.70 -19.36
C ARG B 178 5.13 18.61 -18.14
N ALA B 179 4.20 19.56 -18.06
CA ALA B 179 4.13 20.51 -16.96
C ALA B 179 3.70 19.89 -15.63
N GLU B 180 2.86 18.88 -15.70
CA GLU B 180 2.41 18.23 -14.49
C GLU B 180 3.55 17.35 -14.00
N ALA B 181 4.36 16.89 -14.97
CA ALA B 181 5.51 16.04 -14.67
C ALA B 181 6.52 16.83 -13.85
N LEU B 182 6.66 18.12 -14.16
CA LEU B 182 7.58 19.00 -13.45
C LEU B 182 7.04 19.31 -12.08
N ILE B 183 5.76 19.66 -12.02
CA ILE B 183 5.13 19.97 -10.74
C ILE B 183 5.15 18.75 -9.83
N HIS B 184 5.04 17.56 -10.41
CA HIS B 184 5.09 16.37 -9.59
C HIS B 184 6.52 16.19 -9.07
N LEU B 185 7.50 16.41 -9.95
CA LEU B 185 8.91 16.25 -9.60
C LEU B 185 9.25 17.14 -8.42
N ALA B 186 8.75 18.37 -8.47
CA ALA B 186 9.00 19.34 -7.43
C ALA B 186 8.45 18.96 -6.06
N ASN B 187 7.24 18.41 -6.02
CA ASN B 187 6.67 18.01 -4.73
C ASN B 187 7.49 16.86 -4.18
N ALA B 188 8.05 16.05 -5.08
CA ALA B 188 8.88 14.91 -4.68
C ALA B 188 10.13 15.43 -3.97
N ALA B 189 10.80 16.41 -4.59
CA ALA B 189 12.00 17.02 -4.01
C ALA B 189 11.68 17.71 -2.69
N LEU B 190 10.57 18.43 -2.64
CA LEU B 190 10.17 19.11 -1.42
C LEU B 190 9.97 18.17 -0.25
N GLU B 191 9.35 17.02 -0.49
CA GLU B 191 9.15 16.08 0.63
C GLU B 191 10.27 15.02 0.77
N GLY B 192 11.29 15.12 -0.09
CA GLY B 192 12.43 14.22 -0.02
C GLY B 192 12.33 12.87 -0.68
N THR B 193 11.44 12.70 -1.66
CA THR B 193 11.30 11.42 -2.34
C THR B 193 12.23 11.24 -3.53
N LEU B 194 12.68 12.33 -4.12
CA LEU B 194 13.59 12.26 -5.25
C LEU B 194 14.99 12.11 -4.66
N PRO B 195 15.68 11.00 -4.96
CA PRO B 195 17.03 10.84 -4.40
C PRO B 195 17.96 11.92 -4.94
N MET B 196 18.57 12.68 -4.05
CA MET B 196 19.49 13.75 -4.43
C MET B 196 20.92 13.29 -4.62
N THR B 197 21.23 12.12 -4.10
CA THR B 197 22.57 11.56 -4.26
C THR B 197 22.38 10.12 -4.68
N ILE B 198 23.38 9.55 -5.36
CA ILE B 198 23.25 8.19 -5.86
C ILE B 198 22.89 7.11 -4.84
N PRO B 199 21.83 6.35 -5.13
CA PRO B 199 21.38 5.28 -4.24
C PRO B 199 22.26 4.04 -4.38
N GLY B 200 22.21 3.16 -3.39
CA GLY B 200 23.00 1.94 -3.45
C GLY B 200 22.49 0.99 -4.53
N ASP B 201 21.19 1.01 -4.78
CA ASP B 201 20.59 0.14 -5.80
C ASP B 201 20.02 1.03 -6.90
N VAL B 202 20.84 1.37 -7.89
CA VAL B 202 20.41 2.24 -8.95
C VAL B 202 19.23 1.67 -9.75
N GLU B 203 19.27 0.37 -10.00
CA GLU B 203 18.21 -0.30 -10.76
C GLU B 203 16.86 -0.11 -10.08
N GLN B 204 16.81 -0.40 -8.79
CA GLN B 204 15.58 -0.26 -8.05
C GLN B 204 15.17 1.22 -8.01
N ALA B 205 16.11 2.09 -7.65
CA ALA B 205 15.79 3.51 -7.57
C ALA B 205 15.17 4.01 -8.86
N MET B 206 15.70 3.57 -9.99
CA MET B 206 15.17 3.98 -11.29
C MET B 206 13.76 3.45 -11.52
N LYS B 207 13.52 2.22 -11.04
CA LYS B 207 12.22 1.58 -11.18
C LYS B 207 11.17 2.48 -10.52
N THR B 208 11.47 2.92 -9.29
CA THR B 208 10.56 3.80 -8.57
C THR B 208 10.34 5.11 -9.32
N LEU B 209 11.42 5.69 -9.85
CA LEU B 209 11.33 6.93 -10.59
C LEU B 209 10.32 6.79 -11.73
N GLN B 210 10.33 5.63 -12.38
CA GLN B 210 9.41 5.41 -13.49
C GLN B 210 7.94 5.44 -13.08
N THR B 211 7.66 5.36 -11.78
CA THR B 211 6.28 5.41 -11.33
C THR B 211 5.82 6.87 -11.35
N PHE B 212 6.78 7.79 -11.37
CA PHE B 212 6.51 9.21 -11.41
C PHE B 212 5.81 9.57 -12.73
N PRO B 213 4.81 10.45 -12.68
CA PRO B 213 4.11 10.83 -13.90
C PRO B 213 4.99 11.65 -14.82
N GLY B 214 5.07 11.25 -16.08
CA GLY B 214 5.88 11.97 -17.04
C GLY B 214 7.30 11.43 -17.10
N ILE B 215 7.60 10.47 -16.24
CA ILE B 215 8.93 9.87 -16.20
C ILE B 215 8.90 8.42 -16.61
N GLY B 216 9.48 8.13 -17.76
CA GLY B 216 9.54 6.76 -18.26
C GLY B 216 10.95 6.21 -18.08
N ARG B 217 11.22 5.07 -18.69
CA ARG B 217 12.53 4.45 -18.57
C ARG B 217 13.67 5.30 -19.14
N TRP B 218 13.42 6.02 -20.22
CA TRP B 218 14.46 6.84 -20.79
C TRP B 218 14.87 7.97 -19.84
N THR B 219 13.90 8.80 -19.44
CA THR B 219 14.16 9.91 -18.53
C THR B 219 14.81 9.42 -17.25
N ALA B 220 14.36 8.28 -16.71
CA ALA B 220 14.93 7.73 -15.49
C ALA B 220 16.41 7.37 -15.65
N ASN B 221 16.76 6.71 -16.75
CA ASN B 221 18.15 6.34 -17.00
C ASN B 221 19.01 7.58 -17.20
N TYR B 222 18.57 8.50 -18.05
CA TYR B 222 19.35 9.71 -18.28
C TYR B 222 19.51 10.50 -16.99
N PHE B 223 18.54 10.37 -16.10
CA PHE B 223 18.58 11.05 -14.82
C PHE B 223 19.63 10.43 -13.89
N ALA B 224 19.72 9.10 -13.90
CA ALA B 224 20.68 8.38 -13.07
C ALA B 224 22.08 8.75 -13.56
N LEU B 225 22.23 8.72 -14.88
CA LEU B 225 23.50 9.04 -15.53
C LEU B 225 24.05 10.41 -15.16
N ARG B 226 23.24 11.44 -15.33
CA ARG B 226 23.70 12.80 -15.04
C ARG B 226 23.38 13.39 -13.67
N GLY B 227 22.19 13.10 -13.15
CA GLY B 227 21.82 13.62 -11.85
C GLY B 227 22.46 12.86 -10.69
N TRP B 228 22.77 11.58 -10.87
CA TRP B 228 23.42 10.79 -9.81
C TRP B 228 24.85 10.45 -10.21
N GLN B 229 25.18 10.67 -11.48
CA GLN B 229 26.49 10.33 -12.03
C GLN B 229 26.73 8.84 -11.92
N ALA B 230 25.65 8.05 -12.06
CA ALA B 230 25.79 6.59 -11.99
C ALA B 230 26.69 6.24 -13.17
N LYS B 231 27.67 5.37 -12.96
CA LYS B 231 28.63 5.06 -14.01
C LYS B 231 28.37 3.79 -14.82
N ASP B 232 27.30 3.06 -14.50
CA ASP B 232 27.07 1.83 -15.24
C ASP B 232 25.64 1.68 -15.77
N VAL B 233 25.07 2.76 -16.27
CA VAL B 233 23.73 2.72 -16.84
C VAL B 233 23.88 2.95 -18.35
N PHE B 234 22.93 2.47 -19.14
CA PHE B 234 22.99 2.65 -20.58
C PHE B 234 21.65 3.22 -21.01
N LEU B 235 21.58 3.74 -22.23
CA LEU B 235 20.35 4.34 -22.73
C LEU B 235 19.78 3.68 -24.00
N PRO B 236 19.44 2.39 -23.91
CA PRO B 236 18.90 1.68 -25.07
C PRO B 236 17.72 2.36 -25.78
N ASP B 237 16.87 3.04 -25.03
CA ASP B 237 15.72 3.72 -25.62
C ASP B 237 16.05 5.09 -26.20
N ASP B 238 17.32 5.41 -26.32
CA ASP B 238 17.69 6.71 -26.86
C ASP B 238 17.62 6.71 -28.38
N TYR B 239 16.97 7.74 -28.93
CA TYR B 239 16.83 7.86 -30.38
C TYR B 239 18.17 7.65 -31.07
N LEU B 240 19.17 8.43 -30.64
CA LEU B 240 20.50 8.35 -31.20
C LEU B 240 21.12 6.98 -30.99
N ILE B 241 20.90 6.39 -29.82
CA ILE B 241 21.44 5.06 -29.56
C ILE B 241 20.79 4.03 -30.50
N LYS B 242 19.51 4.19 -30.80
CA LYS B 242 18.83 3.25 -31.69
C LYS B 242 19.39 3.31 -33.12
N GLN B 243 19.99 4.44 -33.48
CA GLN B 243 20.59 4.58 -34.80
C GLN B 243 22.00 3.99 -34.83
N ARG B 244 22.66 4.01 -33.68
CA ARG B 244 24.00 3.46 -33.55
C ARG B 244 23.94 1.94 -33.59
N PHE B 245 22.78 1.40 -33.22
CA PHE B 245 22.55 -0.05 -33.24
C PHE B 245 21.40 -0.29 -34.20
N PRO B 246 21.70 -0.28 -35.51
CA PRO B 246 20.70 -0.49 -36.57
C PRO B 246 19.91 -1.78 -36.41
N GLY B 247 18.58 -1.65 -36.46
CA GLY B 247 17.73 -2.81 -36.35
C GLY B 247 17.95 -3.76 -35.20
N MET B 248 18.01 -3.20 -33.99
CA MET B 248 18.18 -4.00 -32.77
C MET B 248 17.13 -3.46 -31.81
N THR B 249 16.58 -4.33 -30.98
CA THR B 249 15.55 -3.92 -30.01
C THR B 249 16.19 -3.56 -28.69
N PRO B 250 15.51 -2.74 -27.89
CA PRO B 250 16.05 -2.33 -26.59
C PRO B 250 16.74 -3.48 -25.86
N ALA B 251 16.09 -4.64 -25.83
CA ALA B 251 16.64 -5.81 -25.16
C ALA B 251 17.95 -6.27 -25.78
N GLN B 252 18.06 -6.18 -27.10
CA GLN B 252 19.27 -6.59 -27.80
C GLN B 252 20.43 -5.62 -27.61
N ILE B 253 20.15 -4.32 -27.66
CA ILE B 253 21.18 -3.30 -27.47
C ILE B 253 21.69 -3.46 -26.04
N ARG B 254 20.74 -3.54 -25.13
CA ARG B 254 21.01 -3.68 -23.70
C ARG B 254 21.91 -4.89 -23.42
N ARG B 255 21.70 -5.99 -24.13
CA ARG B 255 22.50 -7.20 -23.92
C ARG B 255 23.88 -7.04 -24.55
N TYR B 256 23.95 -6.24 -25.61
CA TYR B 256 25.22 -6.01 -26.26
C TYR B 256 26.08 -5.11 -25.36
N ALA B 257 25.45 -4.16 -24.68
CA ALA B 257 26.18 -3.22 -23.82
C ALA B 257 26.80 -3.88 -22.59
N GLU B 258 26.26 -5.02 -22.18
CA GLU B 258 26.77 -5.69 -20.99
C GLU B 258 28.29 -5.90 -21.06
N ARG B 259 28.84 -5.88 -22.27
CA ARG B 259 30.28 -6.07 -22.42
C ARG B 259 31.10 -4.93 -21.79
N TRP B 260 30.43 -3.83 -21.45
CA TRP B 260 31.13 -2.69 -20.88
C TRP B 260 30.96 -2.51 -19.38
N LYS B 261 30.38 -3.50 -18.70
CA LYS B 261 30.22 -3.42 -17.25
C LYS B 261 31.64 -3.39 -16.68
N PRO B 262 31.86 -2.62 -15.60
CA PRO B 262 30.86 -1.83 -14.89
C PRO B 262 30.92 -0.35 -15.28
N TRP B 263 31.29 -0.07 -16.52
CA TRP B 263 31.42 1.31 -16.97
C TRP B 263 30.53 1.66 -18.15
N ARG B 264 29.32 1.13 -18.16
CA ARG B 264 28.41 1.39 -19.27
C ARG B 264 28.10 2.86 -19.52
N SER B 265 28.11 3.68 -18.47
CA SER B 265 27.84 5.10 -18.63
C SER B 265 28.85 5.73 -19.57
N TYR B 266 30.13 5.40 -19.36
CA TYR B 266 31.20 5.91 -20.19
C TYR B 266 31.08 5.36 -21.62
N ALA B 267 30.75 4.07 -21.74
CA ALA B 267 30.59 3.47 -23.06
C ALA B 267 29.52 4.24 -23.83
N LEU B 268 28.41 4.51 -23.15
CA LEU B 268 27.31 5.26 -23.76
C LEU B 268 27.83 6.57 -24.34
N LEU B 269 28.58 7.32 -23.52
CA LEU B 269 29.17 8.59 -23.93
C LEU B 269 30.00 8.43 -25.20
N HIS B 270 30.86 7.43 -25.23
CA HIS B 270 31.70 7.21 -26.41
C HIS B 270 30.91 6.87 -27.68
N ILE B 271 29.79 6.16 -27.55
CA ILE B 271 28.97 5.79 -28.71
C ILE B 271 28.15 6.99 -29.22
N TRP B 272 27.68 7.81 -28.28
CA TRP B 272 26.92 9.01 -28.59
C TRP B 272 27.78 9.94 -29.45
N TYR B 273 29.06 10.04 -29.11
CA TYR B 273 29.97 10.92 -29.82
C TYR B 273 30.96 10.20 -30.72
N THR B 274 30.42 9.36 -31.60
CA THR B 274 31.22 8.62 -32.55
C THR B 274 30.41 8.41 -33.82
N GLU B 275 30.61 9.33 -34.77
CA GLU B 275 29.94 9.36 -36.06
C GLU B 275 29.37 8.05 -36.58
N GLY B 276 30.21 7.29 -37.26
CA GLY B 276 29.76 6.04 -37.84
C GLY B 276 30.07 4.81 -37.02
N TRP B 277 29.89 4.89 -35.71
CA TRP B 277 30.15 3.74 -34.88
C TRP B 277 29.10 2.67 -35.17
N GLN B 278 29.53 1.42 -35.23
CA GLN B 278 28.60 0.32 -35.47
C GLN B 278 29.05 -0.87 -34.65
N PRO B 279 28.08 -1.64 -34.13
CA PRO B 279 28.36 -2.82 -33.31
C PRO B 279 29.03 -3.90 -34.14
N ASP B 280 29.84 -4.71 -33.49
CA ASP B 280 30.54 -5.78 -34.20
C ASP B 280 29.52 -6.78 -34.74
N GLU B 281 29.57 -7.01 -36.05
CA GLU B 281 28.66 -7.93 -36.71
C GLU B 281 28.93 -9.37 -36.29
N MET C 1 45.93 19.56 5.54
CA MET C 1 46.56 20.19 4.35
C MET C 1 45.59 20.82 3.36
N TYR C 2 44.29 20.74 3.63
CA TYR C 2 43.27 21.47 2.84
C TYR C 2 42.81 22.44 3.92
N THR C 3 42.20 23.55 3.54
CA THR C 3 41.75 24.48 4.57
C THR C 3 40.36 25.06 4.31
N LEU C 4 39.60 25.21 5.39
CA LEU C 4 38.26 25.79 5.32
C LEU C 4 38.13 26.86 6.39
N ASN C 5 37.57 28.01 6.03
CA ASN C 5 37.43 29.08 7.02
C ASN C 5 36.09 29.03 7.76
N TRP C 6 36.05 29.62 8.95
CA TRP C 6 34.82 29.66 9.74
C TRP C 6 34.68 31.04 10.37
N GLN C 7 33.47 31.35 10.83
CA GLN C 7 33.20 32.64 11.45
C GLN C 7 33.27 32.57 12.98
N PRO C 8 34.09 33.44 13.61
CA PRO C 8 34.21 33.45 15.07
C PRO C 8 32.96 34.05 15.69
N PRO C 9 32.63 33.65 16.94
CA PRO C 9 33.41 32.68 17.71
C PRO C 9 32.98 31.24 17.45
N TYR C 10 33.89 30.30 17.69
CA TYR C 10 33.63 28.88 17.50
C TYR C 10 34.16 28.13 18.72
N ASP C 11 33.26 27.45 19.44
CA ASP C 11 33.65 26.70 20.63
C ASP C 11 34.09 25.27 20.32
N TRP C 12 35.36 25.11 19.94
CA TRP C 12 35.90 23.81 19.62
C TRP C 12 35.99 22.88 20.80
N SER C 13 36.19 23.44 21.99
CA SER C 13 36.27 22.63 23.19
C SER C 13 34.93 21.90 23.36
N TRP C 14 33.84 22.62 23.08
CA TRP C 14 32.50 22.04 23.19
C TRP C 14 32.21 20.99 22.11
N MET C 15 32.54 21.34 20.87
CA MET C 15 32.31 20.45 19.73
C MET C 15 33.06 19.12 19.88
N LEU C 16 34.38 19.19 20.07
CA LEU C 16 35.18 17.98 20.21
C LEU C 16 34.69 17.15 21.39
N GLY C 17 34.26 17.82 22.44
CA GLY C 17 33.78 17.09 23.62
C GLY C 17 32.48 16.36 23.31
N PHE C 18 31.60 17.04 22.59
CA PHE C 18 30.32 16.46 22.20
C PHE C 18 30.60 15.20 21.35
N LEU C 19 31.45 15.35 20.34
CA LEU C 19 31.79 14.22 19.47
C LEU C 19 32.56 13.17 20.26
N ALA C 20 33.50 13.62 21.08
CA ALA C 20 34.32 12.71 21.88
C ALA C 20 33.44 11.76 22.70
N ALA C 21 32.38 12.28 23.30
CA ALA C 21 31.49 11.46 24.11
C ALA C 21 30.71 10.45 23.28
N ARG C 22 30.48 10.77 22.01
CA ARG C 22 29.73 9.87 21.13
C ARG C 22 30.61 9.12 20.14
N ALA C 23 31.93 9.24 20.32
CA ALA C 23 32.89 8.58 19.43
C ALA C 23 32.73 7.07 19.40
N VAL C 24 32.80 6.49 18.21
CA VAL C 24 32.66 5.05 18.04
C VAL C 24 34.02 4.39 17.85
N SER C 25 34.42 3.59 18.83
CA SER C 25 35.69 2.90 18.79
C SER C 25 36.01 2.26 17.44
N SER C 26 37.24 2.49 16.97
CA SER C 26 37.73 1.95 15.71
C SER C 26 37.25 2.73 14.48
N VAL C 27 36.28 3.62 14.67
CA VAL C 27 35.76 4.42 13.57
C VAL C 27 36.27 5.85 13.67
N GLU C 28 36.17 6.40 14.88
CA GLU C 28 36.60 7.78 15.10
C GLU C 28 37.60 7.86 16.25
N THR C 29 38.38 8.94 16.24
CA THR C 29 39.38 9.21 17.26
C THR C 29 39.21 10.69 17.59
N VAL C 30 38.90 11.00 18.84
CA VAL C 30 38.73 12.40 19.21
C VAL C 30 39.68 12.83 20.32
N ALA C 31 40.43 13.90 20.04
CA ALA C 31 41.37 14.46 21.00
C ALA C 31 41.04 15.94 21.20
N ASP C 32 41.68 16.53 22.21
CA ASP C 32 41.47 17.94 22.56
C ASP C 32 41.79 18.92 21.44
N SER C 33 42.61 18.49 20.47
CA SER C 33 43.01 19.37 19.39
C SER C 33 42.65 18.91 17.96
N TYR C 34 42.19 17.67 17.82
CA TYR C 34 41.84 17.19 16.49
C TYR C 34 40.80 16.08 16.48
N TYR C 35 40.24 15.85 15.30
CA TYR C 35 39.21 14.84 15.07
C TYR C 35 39.65 13.99 13.86
N ALA C 36 39.48 12.68 13.96
CA ALA C 36 39.87 11.79 12.87
C ALA C 36 39.00 10.55 12.82
N ARG C 37 38.68 10.12 11.61
CA ARG C 37 37.83 8.95 11.43
C ARG C 37 37.97 8.34 10.06
N SER C 38 37.44 7.14 9.92
CA SER C 38 37.43 6.44 8.65
C SER C 38 36.34 7.13 7.82
N LEU C 39 36.49 7.11 6.51
CA LEU C 39 35.49 7.73 5.65
C LEU C 39 35.36 6.99 4.32
N ALA C 40 34.13 6.73 3.93
CA ALA C 40 33.89 6.06 2.68
C ALA C 40 32.94 6.88 1.82
N VAL C 41 33.43 7.32 0.68
CA VAL C 41 32.64 8.08 -0.27
C VAL C 41 32.60 7.14 -1.47
N GLY C 42 31.50 6.40 -1.59
CA GLY C 42 31.38 5.45 -2.68
C GLY C 42 32.35 4.31 -2.38
N GLU C 43 33.17 3.94 -3.36
CA GLU C 43 34.14 2.88 -3.15
C GLU C 43 35.50 3.46 -2.75
N TYR C 44 35.56 4.79 -2.58
CA TYR C 44 36.80 5.44 -2.16
C TYR C 44 36.83 5.45 -0.64
N ARG C 45 37.99 5.09 -0.08
CA ARG C 45 38.13 5.05 1.37
C ARG C 45 39.45 5.53 1.90
N GLY C 46 39.43 5.90 3.18
CA GLY C 46 40.61 6.36 3.85
C GLY C 46 40.28 6.95 5.19
N VAL C 47 41.24 7.71 5.69
CA VAL C 47 41.08 8.37 6.97
C VAL C 47 41.05 9.88 6.73
N VAL C 48 40.24 10.57 7.53
CA VAL C 48 40.10 12.01 7.44
C VAL C 48 40.57 12.59 8.74
N THR C 49 41.42 13.61 8.66
CA THR C 49 41.92 14.27 9.85
C THR C 49 41.65 15.76 9.75
N ALA C 50 40.98 16.29 10.75
CA ALA C 50 40.64 17.70 10.79
C ALA C 50 41.34 18.31 11.99
N ILE C 51 42.07 19.40 11.73
CA ILE C 51 42.79 20.11 12.78
C ILE C 51 42.41 21.58 12.72
N PRO C 52 41.77 22.07 13.78
CA PRO C 52 41.34 23.48 13.84
C PRO C 52 42.44 24.42 14.31
N ASP C 53 42.61 25.52 13.57
CA ASP C 53 43.59 26.55 13.86
C ASP C 53 42.83 27.73 14.42
N ILE C 54 42.66 27.81 15.74
CA ILE C 54 41.88 28.92 16.31
C ILE C 54 42.48 30.26 15.88
N ALA C 55 43.78 30.41 16.10
CA ALA C 55 44.51 31.63 15.75
C ALA C 55 43.83 32.27 14.54
N ARG C 56 44.14 31.74 13.36
CA ARG C 56 43.57 32.28 12.13
C ARG C 56 42.24 31.64 11.72
N HIS C 57 41.44 31.28 12.72
CA HIS C 57 40.13 30.66 12.53
C HIS C 57 39.93 29.92 11.21
N THR C 58 40.67 28.82 11.08
CA THR C 58 40.62 27.97 9.90
C THR C 58 40.68 26.49 10.31
N LEU C 59 40.05 25.63 9.51
CA LEU C 59 40.06 24.20 9.80
C LEU C 59 40.94 23.50 8.78
N HIS C 60 42.03 22.89 9.24
CA HIS C 60 42.92 22.19 8.35
C HIS C 60 42.49 20.74 8.25
N ILE C 61 42.22 20.30 7.03
CA ILE C 61 41.76 18.93 6.80
C ILE C 61 42.74 18.14 5.96
N ASN C 62 43.07 16.95 6.43
CA ASN C 62 43.97 16.08 5.67
C ASN C 62 43.24 14.82 5.27
N LEU C 63 43.44 14.38 4.02
CA LEU C 63 42.81 13.16 3.52
C LEU C 63 43.83 12.09 3.20
N SER C 64 43.50 10.85 3.52
CA SER C 64 44.35 9.71 3.20
C SER C 64 44.38 9.66 1.66
N ALA C 65 45.39 9.03 1.08
CA ALA C 65 45.47 8.95 -0.38
C ALA C 65 44.22 8.35 -1.03
N GLY C 66 43.57 7.44 -0.31
CA GLY C 66 42.36 6.82 -0.83
C GLY C 66 41.18 7.75 -1.14
N LEU C 67 41.02 8.84 -0.39
CA LEU C 67 39.90 9.75 -0.63
C LEU C 67 40.25 10.90 -1.58
N GLU C 68 41.53 11.06 -1.86
CA GLU C 68 41.97 12.15 -2.73
C GLU C 68 41.12 12.30 -4.01
N PRO C 69 40.73 11.20 -4.67
CA PRO C 69 39.93 11.37 -5.88
C PRO C 69 38.55 12.01 -5.61
N VAL C 70 38.10 11.99 -4.36
CA VAL C 70 36.81 12.61 -4.03
C VAL C 70 36.98 13.65 -2.92
N ALA C 71 38.13 14.32 -2.92
CA ALA C 71 38.46 15.35 -1.95
C ALA C 71 37.34 16.37 -1.64
N ALA C 72 36.75 16.95 -2.67
CA ALA C 72 35.72 17.95 -2.50
C ALA C 72 34.54 17.46 -1.65
N GLU C 73 34.06 16.26 -1.94
CA GLU C 73 32.96 15.70 -1.18
C GLU C 73 33.36 15.46 0.28
N CYS C 74 34.63 15.11 0.52
CA CYS C 74 35.08 14.91 1.90
C CYS C 74 35.07 16.26 2.62
N LEU C 75 35.48 17.29 1.91
CA LEU C 75 35.50 18.63 2.48
C LEU C 75 34.06 19.07 2.84
N ALA C 76 33.12 18.79 1.95
CA ALA C 76 31.74 19.16 2.19
C ALA C 76 31.21 18.38 3.38
N LYS C 77 31.57 17.11 3.47
CA LYS C 77 31.12 16.30 4.59
C LYS C 77 31.63 16.85 5.91
N MET C 78 32.85 17.40 5.92
CA MET C 78 33.43 17.96 7.12
C MET C 78 32.77 19.29 7.46
N SER C 79 32.44 20.08 6.43
CA SER C 79 31.82 21.36 6.65
C SER C 79 30.42 21.18 7.26
N ARG C 80 29.72 20.10 6.90
CA ARG C 80 28.39 19.85 7.46
C ARG C 80 28.53 19.33 8.88
N LEU C 81 29.53 18.47 9.10
CA LEU C 81 29.73 17.94 10.43
C LEU C 81 30.08 19.03 11.44
N PHE C 82 30.88 20.01 11.01
CA PHE C 82 31.29 21.10 11.91
C PHE C 82 30.50 22.39 11.77
N ASP C 83 29.41 22.35 11.03
CA ASP C 83 28.54 23.53 10.87
C ASP C 83 29.37 24.79 10.63
N LEU C 84 30.30 24.73 9.69
CA LEU C 84 31.16 25.87 9.37
C LEU C 84 30.44 27.05 8.71
N GLN C 85 29.23 26.82 8.20
CA GLN C 85 28.47 27.88 7.55
C GLN C 85 27.81 28.84 8.55
N CYS C 86 27.74 28.43 9.81
CA CYS C 86 27.08 29.24 10.83
C CYS C 86 27.60 30.65 11.08
N ASN C 87 26.67 31.62 11.05
CA ASN C 87 26.98 33.02 11.32
C ASN C 87 26.45 33.23 12.73
N PRO C 88 27.27 33.02 13.76
CA PRO C 88 26.80 33.19 15.13
C PRO C 88 26.15 34.53 15.43
N GLN C 89 26.65 35.60 14.81
CA GLN C 89 26.06 36.92 15.04
C GLN C 89 24.57 36.85 14.77
N ILE C 90 24.19 36.16 13.70
CA ILE C 90 22.79 36.04 13.32
C ILE C 90 21.99 35.16 14.28
N VAL C 91 22.62 34.11 14.80
CA VAL C 91 21.92 33.21 15.72
C VAL C 91 21.93 33.79 17.13
N ASN C 92 23.11 34.11 17.64
CA ASN C 92 23.21 34.68 18.99
C ASN C 92 22.44 36.00 19.06
N GLY C 93 22.32 36.66 17.91
CA GLY C 93 21.61 37.92 17.87
C GLY C 93 20.13 37.71 17.66
N ALA C 94 19.69 36.47 17.81
CA ALA C 94 18.29 36.12 17.65
C ALA C 94 17.77 35.26 18.79
N LEU C 95 18.68 34.77 19.63
CA LEU C 95 18.31 33.94 20.79
C LEU C 95 18.52 34.75 22.08
N GLY C 96 19.19 35.88 21.94
CA GLY C 96 19.45 36.75 23.08
C GLY C 96 20.08 36.01 24.22
N ARG C 97 19.56 36.25 25.42
CA ARG C 97 20.06 35.63 26.64
C ARG C 97 20.41 34.15 26.50
N LEU C 98 19.43 33.34 26.12
CA LEU C 98 19.62 31.89 25.97
C LEU C 98 21.01 31.49 25.46
N GLY C 99 21.45 32.12 24.38
CA GLY C 99 22.75 31.78 23.83
C GLY C 99 23.76 32.88 24.04
N ALA C 100 24.16 33.09 25.30
CA ALA C 100 25.11 34.14 25.62
C ALA C 100 26.31 33.58 26.38
N ALA C 101 26.10 32.50 27.11
CA ALA C 101 27.17 31.87 27.88
C ALA C 101 28.05 31.03 26.97
N ARG C 102 27.51 30.64 25.83
CA ARG C 102 28.26 29.80 24.88
C ARG C 102 27.92 30.25 23.46
N PRO C 103 28.43 31.42 23.05
CA PRO C 103 28.17 31.95 21.72
C PRO C 103 28.92 31.21 20.60
N GLY C 104 29.77 30.27 20.98
CA GLY C 104 30.53 29.51 20.00
C GLY C 104 29.87 28.17 19.72
N LEU C 105 28.69 27.99 20.30
CA LEU C 105 27.90 26.78 20.17
C LEU C 105 27.58 26.51 18.69
N ARG C 106 27.94 25.33 18.19
CA ARG C 106 27.64 24.96 16.80
C ARG C 106 26.78 23.71 16.76
N LEU C 107 26.04 23.53 15.67
CA LEU C 107 25.19 22.37 15.53
C LEU C 107 26.04 21.20 15.05
N PRO C 108 26.20 20.16 15.89
CA PRO C 108 27.00 18.99 15.50
C PRO C 108 26.30 18.18 14.42
N GLY C 109 26.85 18.20 13.20
CA GLY C 109 26.25 17.45 12.12
C GLY C 109 26.67 15.98 12.06
N CYS C 110 26.93 15.51 10.84
CA CYS C 110 27.34 14.12 10.62
C CYS C 110 28.10 14.10 9.29
N VAL C 111 28.75 12.97 9.01
CA VAL C 111 29.50 12.87 7.78
C VAL C 111 28.72 12.08 6.72
N ASP C 112 27.66 11.42 7.16
CA ASP C 112 26.79 10.63 6.28
C ASP C 112 25.40 10.46 6.89
N ALA C 113 24.36 10.80 6.15
CA ALA C 113 23.00 10.70 6.69
C ALA C 113 22.60 9.27 7.12
N PHE C 114 22.97 8.27 6.33
CA PHE C 114 22.62 6.90 6.70
C PHE C 114 23.28 6.53 8.04
N GLU C 115 24.56 6.85 8.18
CA GLU C 115 25.26 6.56 9.42
C GLU C 115 24.50 7.25 10.55
N GLN C 116 24.15 8.51 10.33
CA GLN C 116 23.43 9.26 11.36
C GLN C 116 22.08 8.62 11.62
N GLY C 117 21.54 7.93 10.63
CA GLY C 117 20.25 7.27 10.80
C GLY C 117 20.41 6.09 11.72
N VAL C 118 21.44 5.29 11.49
CA VAL C 118 21.73 4.15 12.35
C VAL C 118 22.00 4.64 13.78
N ARG C 119 22.77 5.72 13.92
CA ARG C 119 23.10 6.25 15.25
C ARG C 119 21.84 6.71 16.00
N ALA C 120 21.03 7.51 15.31
CA ALA C 120 19.81 8.02 15.89
C ALA C 120 19.00 6.88 16.49
N ILE C 121 18.82 5.79 15.74
CA ILE C 121 18.06 4.61 16.21
C ILE C 121 18.75 3.90 17.38
N LEU C 122 20.06 3.71 17.27
CA LEU C 122 20.81 3.04 18.35
C LEU C 122 20.91 3.96 19.56
N GLY C 123 20.65 5.25 19.34
CA GLY C 123 20.69 6.19 20.44
C GLY C 123 19.38 6.25 21.19
N GLN C 124 18.42 5.40 20.79
CA GLN C 124 17.11 5.36 21.44
C GLN C 124 17.13 4.74 22.83
N LEU C 125 16.68 5.51 23.82
CA LEU C 125 16.58 5.04 25.20
C LEU C 125 17.90 5.02 25.99
N VAL C 126 18.81 4.13 25.61
CA VAL C 126 20.08 4.00 26.31
C VAL C 126 20.83 5.32 26.47
N SER C 127 21.88 5.29 27.29
CA SER C 127 22.72 6.47 27.54
C SER C 127 23.69 6.64 26.39
N VAL C 128 24.31 7.81 26.32
CA VAL C 128 25.29 8.11 25.29
C VAL C 128 26.39 7.04 25.25
N ALA C 129 26.94 6.73 26.41
CA ALA C 129 28.00 5.74 26.55
C ALA C 129 27.56 4.37 26.08
N MET C 130 26.32 4.01 26.36
CA MET C 130 25.84 2.70 25.93
C MET C 130 25.61 2.69 24.41
N ALA C 131 25.08 3.79 23.89
CA ALA C 131 24.83 3.89 22.45
C ALA C 131 26.17 3.77 21.72
N ALA C 132 27.18 4.49 22.19
CA ALA C 132 28.50 4.44 21.55
C ALA C 132 29.05 3.02 21.50
N LYS C 133 28.90 2.28 22.59
CA LYS C 133 29.39 0.91 22.67
C LYS C 133 28.59 0.01 21.78
N LEU C 134 27.28 0.25 21.73
CA LEU C 134 26.40 -0.55 20.90
C LEU C 134 26.76 -0.36 19.43
N THR C 135 26.95 0.89 19.04
CA THR C 135 27.32 1.23 17.67
C THR C 135 28.67 0.61 17.33
N ALA C 136 29.64 0.74 18.23
CA ALA C 136 30.96 0.17 18.00
C ALA C 136 30.87 -1.33 17.70
N ARG C 137 29.95 -2.03 18.37
CA ARG C 137 29.78 -3.46 18.13
C ARG C 137 29.20 -3.72 16.74
N VAL C 138 28.36 -2.81 16.27
CA VAL C 138 27.76 -2.96 14.95
C VAL C 138 28.83 -2.75 13.88
N ALA C 139 29.65 -1.73 14.07
CA ALA C 139 30.73 -1.43 13.13
C ALA C 139 31.71 -2.62 13.05
N GLN C 140 31.96 -3.25 14.19
CA GLN C 140 32.89 -4.38 14.25
C GLN C 140 32.38 -5.59 13.52
N LEU C 141 31.09 -5.87 13.60
CA LEU C 141 30.50 -7.02 12.93
C LEU C 141 30.30 -6.84 11.43
N TYR C 142 29.87 -5.65 11.01
CA TYR C 142 29.57 -5.42 9.60
C TYR C 142 30.46 -4.43 8.86
N GLY C 143 31.30 -3.72 9.61
CA GLY C 143 32.18 -2.72 9.01
C GLY C 143 33.26 -3.22 8.08
N GLU C 144 33.80 -2.29 7.29
CA GLU C 144 34.85 -2.57 6.33
C GLU C 144 36.18 -2.06 6.89
N ARG C 145 37.20 -2.92 6.94
CA ARG C 145 38.49 -2.48 7.45
C ARG C 145 39.27 -1.81 6.31
N LEU C 146 40.17 -0.91 6.65
CA LEU C 146 40.97 -0.24 5.64
C LEU C 146 42.30 -0.95 5.53
N ASP C 147 42.70 -1.31 4.30
CA ASP C 147 43.97 -2.00 4.09
C ASP C 147 45.14 -1.17 4.57
N ASP C 148 45.04 0.16 4.42
CA ASP C 148 46.10 1.07 4.82
C ASP C 148 46.09 1.50 6.29
N PHE C 149 45.04 1.16 7.03
CA PHE C 149 44.94 1.52 8.44
C PHE C 149 44.17 0.44 9.19
N PRO C 150 44.83 -0.70 9.49
CA PRO C 150 44.22 -1.84 10.20
C PRO C 150 43.51 -1.48 11.51
N GLU C 151 43.84 -0.33 12.07
CA GLU C 151 43.23 0.11 13.32
C GLU C 151 41.83 0.68 13.07
N TYR C 152 41.64 1.25 11.88
CA TYR C 152 40.37 1.87 11.50
C TYR C 152 39.39 0.96 10.76
N ILE C 153 38.11 1.21 10.99
CA ILE C 153 37.07 0.45 10.34
C ILE C 153 36.01 1.43 9.83
N CYS C 154 35.54 1.20 8.62
CA CYS C 154 34.53 2.06 8.03
C CYS C 154 33.16 1.77 8.62
N PHE C 155 32.37 2.82 8.83
CA PHE C 155 31.04 2.64 9.37
C PHE C 155 30.30 1.76 8.37
N PRO C 156 29.54 0.76 8.86
CA PRO C 156 28.78 -0.15 7.99
C PRO C 156 27.95 0.55 6.90
N THR C 157 27.89 -0.09 5.73
CA THR C 157 27.15 0.43 4.61
C THR C 157 25.73 -0.13 4.64
N PRO C 158 24.78 0.51 3.93
CA PRO C 158 23.37 0.13 3.84
C PRO C 158 23.27 -1.27 3.28
N GLN C 159 24.26 -1.55 2.45
CA GLN C 159 24.39 -2.82 1.78
C GLN C 159 24.64 -4.05 2.65
N ARG C 160 25.41 -3.87 3.69
CA ARG C 160 25.70 -4.95 4.60
C ARG C 160 24.55 -5.04 5.60
N LEU C 161 24.19 -3.90 6.20
CA LEU C 161 23.09 -3.89 7.17
C LEU C 161 21.78 -4.42 6.55
N ALA C 162 21.52 -4.14 5.28
CA ALA C 162 20.28 -4.62 4.66
C ALA C 162 20.25 -6.14 4.50
N ALA C 163 21.43 -6.75 4.43
CA ALA C 163 21.53 -8.19 4.26
C ALA C 163 21.70 -8.88 5.61
N ALA C 164 21.93 -8.09 6.65
CA ALA C 164 22.13 -8.62 8.00
C ALA C 164 20.99 -9.46 8.53
N ASP C 165 21.35 -10.40 9.40
CA ASP C 165 20.42 -11.30 10.05
C ASP C 165 19.87 -10.58 11.28
N PRO C 166 18.55 -10.36 11.35
CA PRO C 166 17.97 -9.66 12.51
C PRO C 166 18.49 -10.20 13.85
N GLN C 167 18.61 -11.52 13.94
CA GLN C 167 19.08 -12.20 15.14
C GLN C 167 20.55 -11.87 15.47
N ALA C 168 21.37 -11.67 14.43
CA ALA C 168 22.77 -11.36 14.66
C ALA C 168 22.90 -10.00 15.34
N LEU C 169 22.13 -9.02 14.85
CA LEU C 169 22.14 -7.68 15.42
C LEU C 169 21.60 -7.70 16.84
N LYS C 170 20.57 -8.49 17.07
CA LYS C 170 19.97 -8.60 18.40
C LYS C 170 21.01 -9.05 19.41
N ALA C 171 21.75 -10.08 19.04
CA ALA C 171 22.78 -10.64 19.90
C ALA C 171 23.82 -9.61 20.33
N LEU C 172 23.86 -8.47 19.65
CA LEU C 172 24.82 -7.43 20.01
C LEU C 172 24.33 -6.60 21.19
N GLY C 173 23.12 -6.90 21.66
CA GLY C 173 22.58 -6.18 22.79
C GLY C 173 21.55 -5.12 22.45
N MET C 174 20.60 -5.45 21.58
CA MET C 174 19.55 -4.51 21.21
C MET C 174 18.29 -5.31 21.00
N PRO C 175 17.12 -4.70 21.23
CA PRO C 175 15.85 -5.43 21.03
C PRO C 175 15.72 -5.88 19.58
N LEU C 176 14.93 -6.91 19.33
CA LEU C 176 14.75 -7.40 17.97
C LEU C 176 14.19 -6.30 17.08
N LYS C 177 13.25 -5.53 17.62
CA LYS C 177 12.61 -4.43 16.89
C LYS C 177 13.60 -3.35 16.44
N ARG C 178 14.61 -3.09 17.25
CA ARG C 178 15.60 -2.10 16.86
C ARG C 178 16.43 -2.68 15.72
N ALA C 179 16.78 -3.97 15.81
CA ALA C 179 17.55 -4.63 14.77
C ALA C 179 16.76 -4.53 13.46
N GLU C 180 15.45 -4.76 13.56
CA GLU C 180 14.61 -4.70 12.37
C GLU C 180 14.52 -3.27 11.84
N ALA C 181 14.63 -2.29 12.72
CA ALA C 181 14.56 -0.90 12.31
C ALA C 181 15.79 -0.59 11.43
N LEU C 182 16.94 -1.09 11.86
CA LEU C 182 18.18 -0.88 11.13
C LEU C 182 18.12 -1.50 9.75
N ILE C 183 17.63 -2.73 9.68
CA ILE C 183 17.54 -3.44 8.41
C ILE C 183 16.62 -2.71 7.43
N HIS C 184 15.50 -2.19 7.94
CA HIS C 184 14.56 -1.45 7.09
C HIS C 184 15.16 -0.12 6.68
N LEU C 185 15.91 0.52 7.57
CA LEU C 185 16.53 1.80 7.22
C LEU C 185 17.60 1.59 6.16
N ALA C 186 18.34 0.49 6.24
CA ALA C 186 19.39 0.21 5.24
C ALA C 186 18.72 -0.03 3.88
N ASN C 187 17.65 -0.81 3.87
CA ASN C 187 16.93 -1.06 2.64
C ASN C 187 16.46 0.26 2.04
N ALA C 188 15.98 1.17 2.87
CA ALA C 188 15.51 2.46 2.38
C ALA C 188 16.63 3.25 1.73
N ALA C 189 17.78 3.30 2.38
CA ALA C 189 18.93 4.05 1.86
C ALA C 189 19.38 3.44 0.54
N LEU C 190 19.35 2.11 0.46
CA LEU C 190 19.73 1.41 -0.77
C LEU C 190 18.79 1.83 -1.90
N GLU C 191 17.50 1.97 -1.58
CA GLU C 191 16.48 2.33 -2.57
C GLU C 191 16.45 3.84 -2.89
N GLY C 192 17.05 4.65 -2.03
CA GLY C 192 17.06 6.08 -2.27
C GLY C 192 15.88 6.76 -1.58
N THR C 193 15.21 6.02 -0.71
CA THR C 193 14.06 6.50 0.05
C THR C 193 14.42 7.30 1.32
N LEU C 194 15.70 7.31 1.68
CA LEU C 194 16.13 8.04 2.85
C LEU C 194 16.72 9.36 2.38
N PRO C 195 16.10 10.49 2.75
CA PRO C 195 16.66 11.78 2.30
C PRO C 195 18.08 11.92 2.86
N MET C 196 19.06 12.02 1.97
CA MET C 196 20.46 12.12 2.36
C MET C 196 20.87 13.59 2.49
N THR C 197 19.97 14.47 2.06
CA THR C 197 20.21 15.89 2.11
C THR C 197 18.92 16.52 2.61
N ILE C 198 19.04 17.64 3.32
CA ILE C 198 17.85 18.32 3.86
C ILE C 198 16.77 18.58 2.79
N PRO C 199 15.57 18.04 2.98
CA PRO C 199 14.47 18.26 2.02
C PRO C 199 13.90 19.66 2.24
N GLY C 200 13.17 20.18 1.24
CA GLY C 200 12.60 21.51 1.38
C GLY C 200 11.56 21.65 2.48
N ASP C 201 10.74 20.62 2.63
CA ASP C 201 9.67 20.58 3.63
C ASP C 201 10.05 19.55 4.71
N VAL C 202 10.91 19.96 5.64
CA VAL C 202 11.35 19.06 6.71
C VAL C 202 10.21 18.41 7.48
N GLU C 203 9.10 19.13 7.58
CA GLU C 203 7.94 18.62 8.30
C GLU C 203 7.42 17.38 7.66
N GLN C 204 7.10 17.50 6.38
CA GLN C 204 6.59 16.37 5.64
C GLN C 204 7.62 15.24 5.62
N ALA C 205 8.87 15.59 5.36
CA ALA C 205 9.92 14.57 5.32
C ALA C 205 9.95 13.75 6.61
N MET C 206 9.97 14.44 7.75
CA MET C 206 10.01 13.76 9.04
C MET C 206 8.78 12.88 9.24
N LYS C 207 7.63 13.38 8.79
CA LYS C 207 6.38 12.64 8.93
C LYS C 207 6.49 11.32 8.18
N THR C 208 7.04 11.36 6.99
CA THR C 208 7.22 10.14 6.19
C THR C 208 8.19 9.20 6.89
N LEU C 209 9.23 9.75 7.52
CA LEU C 209 10.19 8.93 8.24
C LEU C 209 9.52 8.17 9.39
N GLN C 210 8.53 8.82 9.99
CA GLN C 210 7.80 8.21 11.10
C GLN C 210 6.97 7.01 10.68
N THR C 211 6.86 6.76 9.39
CA THR C 211 6.12 5.60 8.91
C THR C 211 7.08 4.39 8.89
N PHE C 212 8.37 4.65 9.07
CA PHE C 212 9.38 3.59 9.08
C PHE C 212 9.26 2.82 10.39
N PRO C 213 9.40 1.50 10.33
CA PRO C 213 9.29 0.76 11.60
C PRO C 213 10.47 1.14 12.48
N GLY C 214 10.21 1.35 13.76
CA GLY C 214 11.28 1.72 14.67
C GLY C 214 11.59 3.20 14.77
N ILE C 215 11.06 4.02 13.87
CA ILE C 215 11.30 5.46 13.92
C ILE C 215 10.07 6.21 14.42
N GLY C 216 10.23 6.94 15.52
CA GLY C 216 9.11 7.69 16.07
C GLY C 216 9.39 9.16 15.85
N ARG C 217 8.66 10.01 16.58
CA ARG C 217 8.83 11.45 16.44
C ARG C 217 10.19 11.93 16.91
N TRP C 218 10.64 11.40 18.04
CA TRP C 218 11.93 11.78 18.58
C TRP C 218 13.08 11.45 17.62
N THR C 219 13.11 10.21 17.12
CA THR C 219 14.18 9.79 16.23
C THR C 219 14.12 10.60 14.94
N ALA C 220 12.91 10.85 14.45
CA ALA C 220 12.77 11.64 13.23
C ALA C 220 13.30 13.06 13.44
N ASN C 221 12.92 13.68 14.55
CA ASN C 221 13.37 15.05 14.85
C ASN C 221 14.90 15.07 15.00
N TYR C 222 15.42 14.17 15.84
CA TYR C 222 16.85 14.09 16.11
C TYR C 222 17.67 13.79 14.85
N PHE C 223 17.09 12.98 13.96
CA PHE C 223 17.74 12.64 12.70
C PHE C 223 17.81 13.91 11.85
N ALA C 224 16.70 14.64 11.81
CA ALA C 224 16.66 15.86 11.01
C ALA C 224 17.67 16.89 11.50
N LEU C 225 17.78 17.02 12.82
CA LEU C 225 18.68 17.97 13.42
C LEU C 225 20.13 17.69 13.06
N ARG C 226 20.58 16.46 13.32
CA ARG C 226 21.96 16.09 13.03
C ARG C 226 22.23 15.53 11.63
N GLY C 227 21.27 14.77 11.10
CA GLY C 227 21.45 14.15 9.79
C GLY C 227 21.27 15.07 8.60
N TRP C 228 20.39 16.07 8.73
CA TRP C 228 20.15 17.02 7.66
C TRP C 228 20.63 18.40 8.10
N GLN C 229 21.04 18.49 9.35
CA GLN C 229 21.47 19.74 9.94
C GLN C 229 20.33 20.77 9.82
N ALA C 230 19.10 20.32 9.99
CA ALA C 230 17.96 21.25 9.93
C ALA C 230 18.12 22.20 11.13
N LYS C 231 18.11 23.49 10.86
CA LYS C 231 18.30 24.49 11.92
C LYS C 231 17.06 24.91 12.73
N ASP C 232 15.87 24.49 12.30
CA ASP C 232 14.67 24.91 13.03
C ASP C 232 13.83 23.77 13.57
N VAL C 233 14.45 22.86 14.31
CA VAL C 233 13.69 21.74 14.87
C VAL C 233 13.93 21.60 16.36
N PHE C 234 12.86 21.36 17.11
CA PHE C 234 13.00 21.20 18.55
C PHE C 234 12.69 19.74 18.91
N LEU C 235 13.03 19.35 20.14
CA LEU C 235 12.76 17.97 20.58
C LEU C 235 11.88 17.95 21.83
N PRO C 236 10.61 18.34 21.69
CA PRO C 236 9.71 18.36 22.86
C PRO C 236 9.65 17.01 23.58
N ASP C 237 10.04 15.95 22.89
CA ASP C 237 10.00 14.60 23.47
C ASP C 237 11.27 14.14 24.18
N ASP C 238 12.37 14.86 23.98
CA ASP C 238 13.63 14.50 24.60
C ASP C 238 13.53 14.42 26.13
N TYR C 239 14.16 13.39 26.70
CA TYR C 239 14.16 13.17 28.15
C TYR C 239 14.71 14.37 28.90
N LEU C 240 15.95 14.73 28.58
CA LEU C 240 16.63 15.85 29.22
C LEU C 240 15.79 17.12 29.09
N ILE C 241 15.18 17.31 27.92
CA ILE C 241 14.37 18.49 27.72
C ILE C 241 13.08 18.46 28.52
N LYS C 242 12.59 17.26 28.84
CA LYS C 242 11.38 17.18 29.61
C LYS C 242 11.64 17.64 31.03
N GLN C 243 12.89 17.47 31.48
CA GLN C 243 13.28 17.89 32.81
C GLN C 243 13.50 19.40 32.85
N ARG C 244 13.84 19.96 31.69
CA ARG C 244 14.07 21.40 31.54
C ARG C 244 12.73 22.14 31.50
N PHE C 245 11.65 21.39 31.26
CA PHE C 245 10.31 21.95 31.23
C PHE C 245 9.45 21.06 32.12
N PRO C 246 9.71 21.08 33.44
CA PRO C 246 8.95 20.26 34.38
C PRO C 246 7.45 20.55 34.29
N GLY C 247 6.63 19.51 34.36
CA GLY C 247 5.20 19.69 34.32
C GLY C 247 4.55 19.99 32.97
N MET C 248 5.34 20.42 31.99
CA MET C 248 4.77 20.73 30.68
C MET C 248 4.65 19.51 29.76
N THR C 249 3.61 19.52 28.93
CA THR C 249 3.36 18.44 28.00
C THR C 249 4.05 18.78 26.68
N PRO C 250 4.32 17.77 25.84
CA PRO C 250 4.99 18.00 24.56
C PRO C 250 4.45 19.22 23.82
N ALA C 251 3.13 19.35 23.75
CA ALA C 251 2.50 20.48 23.05
C ALA C 251 2.80 21.82 23.71
N GLN C 252 2.86 21.84 25.04
CA GLN C 252 3.14 23.08 25.75
C GLN C 252 4.58 23.50 25.49
N ILE C 253 5.48 22.52 25.51
CA ILE C 253 6.89 22.76 25.24
C ILE C 253 7.02 23.23 23.79
N ARG C 254 6.28 22.56 22.91
CA ARG C 254 6.29 22.88 21.50
C ARG C 254 5.79 24.30 21.27
N ARG C 255 4.71 24.67 21.97
CA ARG C 255 4.15 26.01 21.85
C ARG C 255 5.20 27.03 22.31
N TYR C 256 5.87 26.72 23.41
CA TYR C 256 6.88 27.61 23.98
C TYR C 256 8.07 27.80 23.02
N ALA C 257 8.64 26.69 22.58
CA ALA C 257 9.80 26.70 21.68
C ALA C 257 9.59 27.59 20.45
N GLU C 258 8.34 27.79 20.05
CA GLU C 258 8.02 28.61 18.88
C GLU C 258 8.63 30.02 18.95
N ARG C 259 8.91 30.50 20.16
CA ARG C 259 9.49 31.82 20.32
C ARG C 259 10.91 31.90 19.79
N TRP C 260 11.54 30.76 19.57
CA TRP C 260 12.91 30.76 19.08
C TRP C 260 13.06 30.54 17.58
N LYS C 261 11.93 30.41 16.88
CA LYS C 261 11.95 30.22 15.44
C LYS C 261 12.68 31.41 14.82
N PRO C 262 13.44 31.18 13.74
CA PRO C 262 13.65 29.93 12.98
C PRO C 262 14.96 29.24 13.33
N TRP C 263 15.41 29.41 14.57
CA TRP C 263 16.68 28.81 15.01
C TRP C 263 16.45 27.86 16.18
N ARG C 264 15.33 27.17 16.18
CA ARG C 264 15.01 26.25 17.26
C ARG C 264 16.01 25.12 17.52
N SER C 265 16.77 24.70 16.49
CA SER C 265 17.75 23.64 16.71
C SER C 265 18.89 24.15 17.59
N TYR C 266 19.24 25.43 17.45
CA TYR C 266 20.29 25.99 18.27
C TYR C 266 19.81 26.17 19.72
N ALA C 267 18.59 26.68 19.88
CA ALA C 267 18.03 26.86 21.21
C ALA C 267 18.06 25.51 21.91
N LEU C 268 17.69 24.48 21.17
CA LEU C 268 17.67 23.13 21.71
C LEU C 268 19.03 22.76 22.29
N LEU C 269 20.10 23.04 21.55
CA LEU C 269 21.44 22.73 22.04
C LEU C 269 21.79 23.57 23.28
N HIS C 270 21.45 24.85 23.24
CA HIS C 270 21.73 25.73 24.37
C HIS C 270 20.97 25.32 25.63
N ILE C 271 19.70 25.00 25.50
CA ILE C 271 18.94 24.60 26.68
C ILE C 271 19.51 23.30 27.21
N TRP C 272 19.92 22.41 26.31
CA TRP C 272 20.51 21.15 26.71
C TRP C 272 21.74 21.37 27.59
N TYR C 273 22.64 22.24 27.12
CA TYR C 273 23.88 22.51 27.85
C TYR C 273 23.87 23.65 28.88
N THR C 274 22.73 23.83 29.53
CA THR C 274 22.56 24.84 30.57
C THR C 274 21.75 24.16 31.67
N GLU C 275 22.46 23.49 32.59
CA GLU C 275 21.83 22.76 33.68
C GLU C 275 20.84 23.57 34.51
N GLY C 276 21.15 24.85 34.72
CA GLY C 276 20.27 25.68 35.51
C GLY C 276 19.06 26.24 34.79
N TRP C 277 19.04 26.18 33.46
CA TRP C 277 17.93 26.74 32.71
C TRP C 277 16.55 26.29 33.16
N GLN C 278 15.59 27.20 33.02
CA GLN C 278 14.20 26.97 33.36
C GLN C 278 13.42 28.04 32.61
N PRO C 279 12.17 27.73 32.23
CA PRO C 279 11.29 28.66 31.50
C PRO C 279 10.66 29.80 32.31
N ASP C 280 9.86 30.63 31.64
CA ASP C 280 9.19 31.75 32.27
C ASP C 280 7.71 31.45 32.50
N GLU C 281 7.21 31.83 33.67
CA GLU C 281 5.80 31.61 34.01
C GLU C 281 5.03 32.92 34.00
N ALA C 282 4.52 33.31 32.84
CA ALA C 282 3.76 34.54 32.71
C ALA C 282 2.52 34.34 31.85
N MET D 1 -46.72 -21.55 0.01
CA MET D 1 -46.17 -21.38 1.38
C MET D 1 -45.01 -22.33 1.67
N TYR D 2 -43.86 -21.78 2.03
CA TYR D 2 -42.71 -22.59 2.42
C TYR D 2 -42.77 -22.55 3.94
N THR D 3 -42.16 -23.51 4.61
CA THR D 3 -42.19 -23.51 6.06
C THR D 3 -40.81 -23.82 6.64
N LEU D 4 -40.44 -23.06 7.68
CA LEU D 4 -39.16 -23.23 8.36
C LEU D 4 -39.33 -23.46 9.86
N ASN D 5 -38.40 -24.20 10.44
CA ASN D 5 -38.48 -24.50 11.86
C ASN D 5 -37.67 -23.58 12.75
N TRP D 6 -38.01 -23.58 14.02
CA TRP D 6 -37.29 -22.80 15.01
C TRP D 6 -37.60 -23.42 16.38
N GLN D 7 -36.58 -23.45 17.23
CA GLN D 7 -36.65 -24.02 18.56
C GLN D 7 -37.22 -23.07 19.59
N PRO D 8 -38.16 -23.55 20.42
CA PRO D 8 -38.79 -22.73 21.47
C PRO D 8 -37.82 -22.53 22.63
N PRO D 9 -37.96 -21.42 23.38
CA PRO D 9 -38.93 -20.36 23.14
C PRO D 9 -38.50 -19.26 22.15
N TYR D 10 -39.50 -18.61 21.58
CA TYR D 10 -39.28 -17.53 20.64
C TYR D 10 -40.27 -16.40 20.93
N ASP D 11 -39.74 -15.24 21.33
CA ASP D 11 -40.59 -14.08 21.66
C ASP D 11 -40.91 -13.31 20.41
N TRP D 12 -41.90 -13.78 19.64
CA TRP D 12 -42.29 -13.10 18.42
C TRP D 12 -42.77 -11.67 18.65
N SER D 13 -43.46 -11.46 19.77
CA SER D 13 -43.96 -10.13 20.09
C SER D 13 -42.79 -9.16 20.21
N TRP D 14 -41.76 -9.54 20.97
CA TRP D 14 -40.58 -8.71 21.11
C TRP D 14 -39.87 -8.51 19.75
N MET D 15 -39.73 -9.59 18.96
CA MET D 15 -39.06 -9.48 17.63
C MET D 15 -39.83 -8.55 16.69
N LEU D 16 -41.10 -8.85 16.51
CA LEU D 16 -41.96 -8.02 15.66
C LEU D 16 -41.90 -6.55 16.11
N GLY D 17 -41.97 -6.33 17.42
CA GLY D 17 -41.90 -4.97 17.91
C GLY D 17 -40.60 -4.28 17.55
N PHE D 18 -39.50 -5.00 17.64
CA PHE D 18 -38.19 -4.43 17.31
C PHE D 18 -38.13 -4.00 15.85
N LEU D 19 -38.62 -4.87 14.96
CA LEU D 19 -38.64 -4.54 13.54
C LEU D 19 -39.68 -3.46 13.23
N ALA D 20 -40.80 -3.48 13.94
CA ALA D 20 -41.86 -2.49 13.70
C ALA D 20 -41.35 -1.08 13.92
N ALA D 21 -40.63 -0.86 15.01
CA ALA D 21 -40.09 0.45 15.31
C ALA D 21 -39.12 0.91 14.24
N ARG D 22 -38.41 -0.02 13.62
CA ARG D 22 -37.43 0.34 12.60
C ARG D 22 -37.94 0.18 11.16
N ALA D 23 -39.20 -0.24 11.04
CA ALA D 23 -39.84 -0.45 9.75
C ALA D 23 -39.71 0.76 8.84
N VAL D 24 -39.49 0.49 7.56
CA VAL D 24 -39.32 1.55 6.58
C VAL D 24 -40.51 1.55 5.62
N SER D 25 -41.30 2.63 5.68
CA SER D 25 -42.49 2.78 4.84
C SER D 25 -42.26 2.42 3.36
N SER D 26 -43.16 1.62 2.82
CA SER D 26 -43.11 1.17 1.42
C SER D 26 -42.19 -0.04 1.24
N VAL D 27 -41.31 -0.29 2.21
CA VAL D 27 -40.41 -1.43 2.12
C VAL D 27 -40.89 -2.61 2.95
N GLU D 28 -41.19 -2.32 4.22
CA GLU D 28 -41.64 -3.33 5.16
C GLU D 28 -43.02 -3.00 5.74
N THR D 29 -43.75 -4.04 6.12
CA THR D 29 -45.05 -3.87 6.75
C THR D 29 -44.98 -4.80 7.95
N VAL D 30 -45.12 -4.26 9.14
CA VAL D 30 -45.07 -5.10 10.33
C VAL D 30 -46.37 -5.03 11.12
N ALA D 31 -46.92 -6.21 11.41
CA ALA D 31 -48.13 -6.36 12.20
C ALA D 31 -47.72 -7.31 13.31
N ASP D 32 -48.63 -7.61 14.22
CA ASP D 32 -48.30 -8.48 15.33
C ASP D 32 -48.48 -9.95 15.00
N SER D 33 -48.93 -10.22 13.78
CA SER D 33 -49.14 -11.58 13.35
C SER D 33 -48.31 -11.95 12.12
N TYR D 34 -47.68 -10.95 11.50
CA TYR D 34 -46.85 -11.21 10.33
C TYR D 34 -45.89 -10.09 9.95
N TYR D 35 -44.86 -10.44 9.18
CA TYR D 35 -43.87 -9.50 8.70
C TYR D 35 -43.80 -9.65 7.18
N ALA D 36 -43.79 -8.55 6.47
CA ALA D 36 -43.70 -8.60 5.01
C ALA D 36 -42.81 -7.47 4.53
N ARG D 37 -42.17 -7.65 3.39
CA ARG D 37 -41.30 -6.62 2.83
C ARG D 37 -40.92 -6.90 1.38
N SER D 38 -40.44 -5.87 0.69
CA SER D 38 -40.03 -6.06 -0.69
C SER D 38 -38.70 -6.80 -0.62
N LEU D 39 -38.33 -7.47 -1.69
CA LEU D 39 -37.07 -8.22 -1.68
C LEU D 39 -36.51 -8.33 -3.09
N ALA D 40 -35.20 -8.17 -3.18
CA ALA D 40 -34.51 -8.27 -4.46
C ALA D 40 -33.30 -9.18 -4.35
N VAL D 41 -33.22 -10.15 -5.25
CA VAL D 41 -32.10 -11.07 -5.32
C VAL D 41 -31.59 -10.98 -6.74
N GLY D 42 -30.57 -10.16 -6.95
CA GLY D 42 -30.06 -9.99 -8.30
C GLY D 42 -31.02 -9.08 -9.07
N GLU D 43 -31.83 -9.69 -9.94
CA GLU D 43 -32.83 -8.98 -10.74
C GLU D 43 -34.23 -9.60 -10.53
N TYR D 44 -34.31 -10.58 -9.62
CA TYR D 44 -35.60 -11.19 -9.28
C TYR D 44 -36.18 -10.34 -8.16
N ARG D 45 -37.43 -9.96 -8.29
CA ARG D 45 -38.01 -9.10 -7.28
C ARG D 45 -39.44 -9.49 -6.99
N GLY D 46 -39.84 -9.28 -5.74
CA GLY D 46 -41.19 -9.61 -5.32
C GLY D 46 -41.42 -9.13 -3.90
N VAL D 47 -42.36 -9.78 -3.24
CA VAL D 47 -42.71 -9.47 -1.87
C VAL D 47 -42.72 -10.76 -1.05
N VAL D 48 -42.20 -10.68 0.16
CA VAL D 48 -42.13 -11.83 1.05
C VAL D 48 -43.02 -11.55 2.24
N THR D 49 -43.67 -12.58 2.74
CA THR D 49 -44.57 -12.49 3.88
C THR D 49 -44.24 -13.62 4.84
N ALA D 50 -43.84 -13.28 6.06
CA ALA D 50 -43.49 -14.27 7.07
C ALA D 50 -44.54 -14.30 8.17
N ILE D 51 -45.07 -15.48 8.46
CA ILE D 51 -46.10 -15.63 9.46
C ILE D 51 -45.73 -16.70 10.47
N PRO D 52 -45.48 -16.30 11.71
CA PRO D 52 -45.12 -17.28 12.73
C PRO D 52 -46.24 -18.27 13.09
N ASP D 53 -45.88 -19.54 13.25
CA ASP D 53 -46.82 -20.56 13.64
C ASP D 53 -46.35 -21.13 14.98
N ILE D 54 -46.87 -20.51 16.04
CA ILE D 54 -46.57 -20.82 17.44
C ILE D 54 -47.08 -22.20 17.79
N ALA D 55 -48.27 -22.53 17.30
CA ALA D 55 -48.84 -23.85 17.55
C ALA D 55 -47.80 -24.88 17.13
N ARG D 56 -47.28 -24.74 15.93
CA ARG D 56 -46.29 -25.69 15.41
C ARG D 56 -44.80 -25.30 15.48
N HIS D 57 -44.46 -24.17 16.11
CA HIS D 57 -43.05 -23.75 16.23
C HIS D 57 -42.49 -23.63 14.81
N THR D 58 -43.29 -23.08 13.91
CA THR D 58 -42.89 -22.96 12.53
C THR D 58 -43.07 -21.56 11.99
N LEU D 59 -42.28 -21.21 10.98
CA LEU D 59 -42.42 -19.92 10.33
C LEU D 59 -42.83 -20.21 8.90
N HIS D 60 -43.98 -19.67 8.50
CA HIS D 60 -44.50 -19.88 7.15
C HIS D 60 -44.13 -18.68 6.29
N ILE D 61 -43.40 -18.94 5.21
CA ILE D 61 -42.98 -17.88 4.32
C ILE D 61 -43.64 -18.01 2.95
N ASN D 62 -44.20 -16.90 2.48
CA ASN D 62 -44.83 -16.89 1.19
C ASN D 62 -44.07 -15.90 0.30
N LEU D 63 -43.84 -16.30 -0.94
CA LEU D 63 -43.16 -15.46 -1.92
C LEU D 63 -44.07 -15.26 -3.10
N SER D 64 -44.07 -14.05 -3.65
CA SER D 64 -44.85 -13.77 -4.83
C SER D 64 -44.19 -14.59 -5.95
N ALA D 65 -44.79 -14.59 -7.14
CA ALA D 65 -44.27 -15.40 -8.25
C ALA D 65 -42.91 -14.97 -8.83
N GLY D 66 -42.65 -13.67 -8.88
CA GLY D 66 -41.41 -13.18 -9.42
C GLY D 66 -40.18 -13.42 -8.56
N LEU D 67 -40.38 -14.06 -7.41
CA LEU D 67 -39.27 -14.35 -6.51
C LEU D 67 -39.06 -15.86 -6.46
N GLU D 68 -40.04 -16.59 -6.98
CA GLU D 68 -40.00 -18.06 -6.99
C GLU D 68 -38.72 -18.66 -7.56
N PRO D 69 -38.17 -18.07 -8.63
CA PRO D 69 -36.94 -18.62 -9.20
C PRO D 69 -35.79 -18.69 -8.20
N VAL D 70 -35.76 -17.76 -7.25
CA VAL D 70 -34.70 -17.73 -6.23
C VAL D 70 -35.28 -17.93 -4.82
N ALA D 71 -36.25 -18.83 -4.71
CA ALA D 71 -36.94 -19.14 -3.47
C ALA D 71 -36.05 -19.54 -2.28
N ALA D 72 -35.08 -20.42 -2.52
CA ALA D 72 -34.18 -20.87 -1.47
C ALA D 72 -33.38 -19.72 -0.85
N GLU D 73 -32.81 -18.86 -1.69
CA GLU D 73 -32.03 -17.74 -1.19
C GLU D 73 -32.92 -16.80 -0.37
N CYS D 74 -34.18 -16.66 -0.79
CA CYS D 74 -35.12 -15.81 -0.05
C CYS D 74 -35.37 -16.38 1.33
N LEU D 75 -35.41 -17.71 1.43
CA LEU D 75 -35.62 -18.38 2.70
C LEU D 75 -34.43 -18.21 3.61
N ALA D 76 -33.23 -18.27 3.03
CA ALA D 76 -32.00 -18.10 3.82
C ALA D 76 -32.01 -16.67 4.37
N LYS D 77 -32.38 -15.72 3.53
CA LYS D 77 -32.43 -14.32 3.93
C LYS D 77 -33.37 -14.14 5.13
N MET D 78 -34.52 -14.81 5.09
CA MET D 78 -35.50 -14.73 6.16
C MET D 78 -35.04 -15.44 7.42
N SER D 79 -34.36 -16.58 7.27
CA SER D 79 -33.88 -17.33 8.42
C SER D 79 -32.77 -16.56 9.15
N ARG D 80 -32.08 -15.68 8.44
CA ARG D 80 -31.02 -14.89 9.06
C ARG D 80 -31.63 -13.65 9.76
N LEU D 81 -32.69 -13.12 9.16
CA LEU D 81 -33.37 -11.97 9.73
C LEU D 81 -34.01 -12.35 11.07
N PHE D 82 -34.62 -13.53 11.12
CA PHE D 82 -35.29 -14.00 12.33
C PHE D 82 -34.50 -14.93 13.23
N ASP D 83 -33.22 -15.15 12.93
CA ASP D 83 -32.38 -15.98 13.81
C ASP D 83 -32.98 -17.38 14.11
N LEU D 84 -33.53 -18.04 13.08
CA LEU D 84 -34.12 -19.36 13.23
C LEU D 84 -33.13 -20.40 13.75
N GLN D 85 -31.84 -20.19 13.50
CA GLN D 85 -30.82 -21.14 13.94
C GLN D 85 -30.65 -21.25 15.47
N CYS D 86 -31.03 -20.20 16.19
CA CYS D 86 -30.86 -20.16 17.64
C CYS D 86 -31.40 -21.30 18.49
N ASN D 87 -30.57 -21.78 19.39
CA ASN D 87 -30.94 -22.82 20.33
C ASN D 87 -30.91 -22.10 21.69
N PRO D 88 -32.04 -21.48 22.08
CA PRO D 88 -32.12 -20.75 23.36
C PRO D 88 -31.65 -21.51 24.59
N GLN D 89 -31.81 -22.83 24.59
CA GLN D 89 -31.37 -23.67 25.69
C GLN D 89 -29.88 -23.49 25.95
N ILE D 90 -29.11 -23.30 24.88
CA ILE D 90 -27.65 -23.11 24.99
C ILE D 90 -27.25 -21.68 25.43
N VAL D 91 -27.89 -20.68 24.84
CA VAL D 91 -27.59 -19.28 25.15
C VAL D 91 -27.92 -18.96 26.60
N ASN D 92 -29.13 -19.31 27.01
CA ASN D 92 -29.56 -19.06 28.38
C ASN D 92 -28.80 -19.90 29.39
N GLY D 93 -28.42 -21.12 29.00
CA GLY D 93 -27.67 -21.95 29.91
C GLY D 93 -26.34 -21.29 30.20
N ALA D 94 -25.91 -20.44 29.27
CA ALA D 94 -24.63 -19.74 29.42
C ALA D 94 -24.79 -18.36 30.04
N LEU D 95 -25.79 -17.59 29.60
CA LEU D 95 -26.00 -16.26 30.15
C LEU D 95 -26.60 -16.29 31.56
N GLY D 96 -27.17 -17.41 31.97
CA GLY D 96 -27.74 -17.49 33.30
C GLY D 96 -28.89 -16.52 33.53
N ARG D 97 -28.88 -15.82 34.66
CA ARG D 97 -30.00 -14.93 34.96
C ARG D 97 -30.15 -13.67 34.09
N LEU D 98 -29.11 -13.27 33.35
CA LEU D 98 -29.26 -12.11 32.46
C LEU D 98 -30.39 -12.34 31.45
N GLY D 99 -30.52 -13.58 30.99
CA GLY D 99 -31.55 -13.91 30.02
C GLY D 99 -32.78 -14.63 30.56
N ALA D 100 -32.83 -14.85 31.87
CA ALA D 100 -33.96 -15.56 32.49
C ALA D 100 -35.36 -14.95 32.29
N ALA D 101 -35.44 -13.63 32.15
CA ALA D 101 -36.75 -12.99 31.98
C ALA D 101 -37.29 -12.98 30.55
N ARG D 102 -36.40 -12.93 29.56
CA ARG D 102 -36.83 -12.92 28.16
C ARG D 102 -36.10 -14.06 27.45
N PRO D 103 -36.34 -15.30 27.89
CA PRO D 103 -35.69 -16.49 27.31
C PRO D 103 -35.84 -16.66 25.80
N GLY D 104 -36.92 -16.10 25.26
CA GLY D 104 -37.17 -16.21 23.82
C GLY D 104 -36.63 -15.08 22.96
N LEU D 105 -35.76 -14.25 23.53
CA LEU D 105 -35.15 -13.16 22.76
C LEU D 105 -34.28 -13.72 21.64
N ARG D 106 -34.22 -13.00 20.52
CA ARG D 106 -33.44 -13.40 19.35
C ARG D 106 -32.70 -12.20 18.79
N LEU D 107 -31.66 -12.45 17.99
CA LEU D 107 -30.90 -11.36 17.40
C LEU D 107 -31.57 -10.94 16.09
N PRO D 108 -32.09 -9.70 16.02
CA PRO D 108 -32.73 -9.29 14.75
C PRO D 108 -31.66 -9.14 13.69
N GLY D 109 -31.70 -9.96 12.65
CA GLY D 109 -30.68 -9.84 11.61
C GLY D 109 -31.07 -8.84 10.55
N CYS D 110 -30.75 -9.15 9.31
CA CYS D 110 -31.07 -8.30 8.18
C CYS D 110 -31.30 -9.26 7.03
N VAL D 111 -31.77 -8.72 5.92
CA VAL D 111 -32.04 -9.54 4.76
C VAL D 111 -30.92 -9.37 3.72
N ASP D 112 -30.07 -8.38 3.90
CA ASP D 112 -28.97 -8.09 2.99
C ASP D 112 -27.94 -7.21 3.72
N ALA D 113 -26.67 -7.64 3.72
CA ALA D 113 -25.65 -6.88 4.44
C ALA D 113 -25.51 -5.43 3.98
N PHE D 114 -25.52 -5.19 2.68
CA PHE D 114 -25.40 -3.82 2.18
C PHE D 114 -26.51 -2.90 2.74
N GLU D 115 -27.76 -3.34 2.66
CA GLU D 115 -28.90 -2.57 3.16
C GLU D 115 -28.67 -2.26 4.64
N GLN D 116 -28.30 -3.30 5.40
CA GLN D 116 -28.03 -3.15 6.83
C GLN D 116 -26.89 -2.16 7.06
N GLY D 117 -25.93 -2.13 6.14
CA GLY D 117 -24.84 -1.19 6.29
C GLY D 117 -25.37 0.23 6.16
N VAL D 118 -26.28 0.44 5.21
CA VAL D 118 -26.87 1.75 4.99
C VAL D 118 -27.66 2.18 6.23
N ARG D 119 -28.44 1.25 6.78
CA ARG D 119 -29.24 1.52 7.97
C ARG D 119 -28.37 1.88 9.16
N ALA D 120 -27.22 1.23 9.26
CA ALA D 120 -26.31 1.49 10.37
C ALA D 120 -25.79 2.92 10.29
N ILE D 121 -25.36 3.32 9.11
CA ILE D 121 -24.84 4.67 8.90
C ILE D 121 -25.94 5.69 9.13
N LEU D 122 -27.08 5.49 8.46
CA LEU D 122 -28.21 6.39 8.61
C LEU D 122 -28.81 6.41 10.02
N GLY D 123 -28.38 5.48 10.87
CA GLY D 123 -28.89 5.42 12.23
C GLY D 123 -28.00 6.11 13.25
N GLN D 124 -26.88 6.63 12.78
CA GLN D 124 -25.92 7.33 13.63
C GLN D 124 -26.48 8.61 14.25
N LEU D 125 -26.13 8.83 15.51
CA LEU D 125 -26.52 10.03 16.24
C LEU D 125 -28.02 10.33 16.40
N VAL D 126 -28.80 10.18 15.35
CA VAL D 126 -30.25 10.45 15.40
C VAL D 126 -31.06 9.36 16.13
N SER D 127 -32.38 9.58 16.21
CA SER D 127 -33.28 8.66 16.90
C SER D 127 -33.78 7.55 15.97
N VAL D 128 -34.32 6.50 16.58
CA VAL D 128 -34.82 5.37 15.84
C VAL D 128 -35.96 5.72 14.88
N ALA D 129 -36.96 6.45 15.37
CA ALA D 129 -38.08 6.83 14.52
C ALA D 129 -37.64 7.73 13.36
N MET D 130 -36.61 8.52 13.61
CA MET D 130 -36.06 9.43 12.61
C MET D 130 -35.34 8.64 11.52
N ALA D 131 -34.44 7.76 11.93
CA ALA D 131 -33.68 6.93 11.01
C ALA D 131 -34.64 6.25 10.05
N ALA D 132 -35.75 5.75 10.58
CA ALA D 132 -36.76 5.06 9.77
C ALA D 132 -37.49 5.98 8.77
N LYS D 133 -37.72 7.23 9.15
CA LYS D 133 -38.41 8.17 8.28
C LYS D 133 -37.43 8.56 7.16
N LEU D 134 -36.17 8.72 7.54
CA LEU D 134 -35.12 9.08 6.62
C LEU D 134 -34.86 7.96 5.60
N THR D 135 -34.61 6.75 6.10
CA THR D 135 -34.35 5.62 5.24
C THR D 135 -35.48 5.40 4.26
N ALA D 136 -36.69 5.77 4.64
CA ALA D 136 -37.84 5.59 3.77
C ALA D 136 -37.80 6.58 2.63
N ARG D 137 -37.24 7.76 2.89
CA ARG D 137 -37.16 8.78 1.85
C ARG D 137 -36.12 8.32 0.84
N VAL D 138 -35.12 7.61 1.34
CA VAL D 138 -34.06 7.11 0.48
C VAL D 138 -34.61 5.98 -0.40
N ALA D 139 -35.28 5.03 0.21
CA ALA D 139 -35.85 3.92 -0.54
C ALA D 139 -36.82 4.52 -1.58
N GLN D 140 -37.56 5.55 -1.18
CA GLN D 140 -38.51 6.24 -2.06
C GLN D 140 -37.82 6.84 -3.28
N LEU D 141 -36.71 7.54 -3.03
CA LEU D 141 -35.96 8.18 -4.10
C LEU D 141 -35.17 7.24 -5.00
N TYR D 142 -34.51 6.23 -4.43
CA TYR D 142 -33.67 5.32 -5.23
C TYR D 142 -34.14 3.88 -5.38
N GLY D 143 -35.26 3.52 -4.77
CA GLY D 143 -35.73 2.16 -4.88
C GLY D 143 -36.48 1.84 -6.16
N GLU D 144 -36.41 0.57 -6.53
CA GLU D 144 -37.09 0.11 -7.72
C GLU D 144 -38.43 -0.41 -7.23
N ARG D 145 -39.52 -0.06 -7.92
CA ARG D 145 -40.86 -0.48 -7.51
C ARG D 145 -41.29 -1.78 -8.20
N LEU D 146 -42.15 -2.55 -7.54
CA LEU D 146 -42.65 -3.83 -8.05
C LEU D 146 -43.92 -3.64 -8.89
N ASP D 147 -43.87 -4.09 -10.13
CA ASP D 147 -45.00 -3.95 -11.05
C ASP D 147 -46.19 -4.74 -10.56
N ASP D 148 -45.90 -5.91 -9.99
CA ASP D 148 -46.93 -6.80 -9.48
C ASP D 148 -47.47 -6.32 -8.12
N PHE D 149 -46.70 -5.47 -7.44
CA PHE D 149 -47.09 -4.93 -6.14
C PHE D 149 -46.69 -3.45 -6.04
N PRO D 150 -47.45 -2.58 -6.70
CA PRO D 150 -47.17 -1.13 -6.71
C PRO D 150 -47.00 -0.53 -5.31
N GLU D 151 -47.80 -0.97 -4.36
CA GLU D 151 -47.73 -0.42 -3.01
C GLU D 151 -46.35 -0.63 -2.35
N TYR D 152 -45.54 -1.52 -2.91
CA TYR D 152 -44.20 -1.79 -2.36
C TYR D 152 -43.05 -1.23 -3.18
N ILE D 153 -41.87 -1.22 -2.58
CA ILE D 153 -40.65 -0.74 -3.23
C ILE D 153 -39.41 -1.47 -2.70
N CYS D 154 -38.55 -1.92 -3.62
CA CYS D 154 -37.31 -2.62 -3.26
C CYS D 154 -36.28 -1.65 -2.71
N PHE D 155 -35.45 -2.12 -1.77
CA PHE D 155 -34.42 -1.29 -1.17
C PHE D 155 -33.40 -0.94 -2.23
N PRO D 156 -32.81 0.25 -2.13
CA PRO D 156 -31.80 0.72 -3.10
C PRO D 156 -30.70 -0.30 -3.28
N THR D 157 -30.28 -0.46 -4.52
CA THR D 157 -29.19 -1.37 -4.86
C THR D 157 -27.91 -0.57 -4.70
N PRO D 158 -26.75 -1.26 -4.60
CA PRO D 158 -25.47 -0.58 -4.46
C PRO D 158 -25.13 0.22 -5.71
N GLN D 159 -25.56 -0.26 -6.87
CA GLN D 159 -25.28 0.44 -8.12
C GLN D 159 -26.06 1.77 -8.16
N ARG D 160 -27.29 1.76 -7.68
CA ARG D 160 -28.12 2.98 -7.67
C ARG D 160 -27.55 4.02 -6.70
N LEU D 161 -27.22 3.61 -5.49
CA LEU D 161 -26.67 4.54 -4.50
C LEU D 161 -25.24 4.96 -4.79
N ALA D 162 -24.50 4.15 -5.54
CA ALA D 162 -23.11 4.46 -5.87
C ALA D 162 -22.97 5.64 -6.86
N ALA D 163 -23.94 5.76 -7.77
CA ALA D 163 -23.90 6.84 -8.75
C ALA D 163 -24.79 7.99 -8.31
N ALA D 164 -25.21 7.95 -7.04
CA ALA D 164 -26.08 8.98 -6.49
C ALA D 164 -25.35 10.29 -6.22
N ASP D 165 -26.05 11.39 -6.46
CA ASP D 165 -25.53 12.73 -6.23
C ASP D 165 -25.50 12.97 -4.72
N PRO D 166 -24.32 13.32 -4.17
CA PRO D 166 -24.17 13.58 -2.73
C PRO D 166 -25.23 14.55 -2.17
N GLN D 167 -25.23 15.76 -2.70
CA GLN D 167 -26.16 16.80 -2.28
C GLN D 167 -27.58 16.28 -2.37
N ALA D 168 -27.86 15.46 -3.37
CA ALA D 168 -29.20 14.90 -3.50
C ALA D 168 -29.51 14.07 -2.25
N LEU D 169 -28.53 13.30 -1.79
CA LEU D 169 -28.69 12.47 -0.59
C LEU D 169 -28.82 13.35 0.64
N LYS D 170 -27.97 14.36 0.72
CA LYS D 170 -28.00 15.29 1.84
C LYS D 170 -29.37 15.98 1.97
N ALA D 171 -29.86 16.56 0.88
CA ALA D 171 -31.15 17.24 0.87
C ALA D 171 -32.26 16.41 1.51
N LEU D 172 -32.03 15.11 1.69
CA LEU D 172 -33.05 14.26 2.29
C LEU D 172 -33.04 14.39 3.82
N GLY D 173 -31.96 14.94 4.36
CA GLY D 173 -31.88 15.12 5.80
C GLY D 173 -30.73 14.45 6.53
N MET D 174 -29.51 14.71 6.06
CA MET D 174 -28.33 14.11 6.69
C MET D 174 -27.13 14.94 6.30
N PRO D 175 -26.10 14.99 7.15
CA PRO D 175 -24.92 15.77 6.82
C PRO D 175 -24.36 15.29 5.49
N LEU D 176 -23.42 16.02 4.92
CA LEU D 176 -22.80 15.62 3.66
C LEU D 176 -21.93 14.38 3.87
N LYS D 177 -21.25 14.32 5.02
CA LYS D 177 -20.40 13.19 5.35
C LYS D 177 -21.16 11.84 5.34
N ARG D 178 -22.42 11.88 5.77
CA ARG D 178 -23.27 10.70 5.83
C ARG D 178 -23.59 10.25 4.41
N ALA D 179 -24.07 11.19 3.59
CA ALA D 179 -24.40 10.88 2.21
C ALA D 179 -23.17 10.28 1.54
N GLU D 180 -22.02 10.85 1.85
CA GLU D 180 -20.74 10.43 1.33
C GLU D 180 -20.43 9.01 1.80
N ALA D 181 -20.76 8.72 3.05
CA ALA D 181 -20.52 7.41 3.63
C ALA D 181 -21.30 6.40 2.82
N LEU D 182 -22.58 6.71 2.58
CA LEU D 182 -23.44 5.83 1.81
C LEU D 182 -22.85 5.53 0.43
N ILE D 183 -22.35 6.56 -0.24
CA ILE D 183 -21.79 6.40 -1.57
C ILE D 183 -20.56 5.50 -1.58
N HIS D 184 -19.67 5.69 -0.61
CA HIS D 184 -18.49 4.85 -0.53
C HIS D 184 -18.92 3.40 -0.21
N LEU D 185 -19.82 3.26 0.73
CA LEU D 185 -20.27 1.94 1.13
C LEU D 185 -20.85 1.15 -0.06
N ALA D 186 -21.49 1.86 -0.98
CA ALA D 186 -22.09 1.20 -2.13
C ALA D 186 -21.02 0.77 -3.11
N ASN D 187 -20.03 1.65 -3.32
CA ASN D 187 -18.93 1.35 -4.22
C ASN D 187 -18.25 0.08 -3.74
N ALA D 188 -18.00 0.06 -2.43
CA ALA D 188 -17.35 -1.06 -1.76
C ALA D 188 -18.13 -2.35 -1.99
N ALA D 189 -19.45 -2.25 -1.86
CA ALA D 189 -20.33 -3.40 -2.09
C ALA D 189 -20.32 -3.82 -3.55
N LEU D 190 -20.29 -2.85 -4.46
CA LEU D 190 -20.26 -3.12 -5.89
C LEU D 190 -19.04 -3.94 -6.28
N GLU D 191 -17.93 -3.77 -5.59
CA GLU D 191 -16.76 -4.54 -5.97
C GLU D 191 -16.39 -5.68 -5.02
N GLY D 192 -17.35 -6.06 -4.18
CA GLY D 192 -17.12 -7.17 -3.25
C GLY D 192 -16.13 -6.93 -2.13
N THR D 193 -15.97 -5.67 -1.74
CA THR D 193 -15.05 -5.34 -0.67
C THR D 193 -15.76 -5.28 0.71
N LEU D 194 -17.09 -5.31 0.69
CA LEU D 194 -17.87 -5.31 1.93
C LEU D 194 -18.34 -6.74 2.18
N PRO D 195 -17.83 -7.37 3.25
CA PRO D 195 -18.27 -8.75 3.49
C PRO D 195 -19.79 -8.86 3.61
N MET D 196 -20.40 -9.68 2.76
CA MET D 196 -21.84 -9.86 2.76
C MET D 196 -22.29 -11.00 3.68
N THR D 197 -21.33 -11.73 4.22
CA THR D 197 -21.64 -12.82 5.15
C THR D 197 -20.57 -12.82 6.23
N ILE D 198 -20.87 -13.35 7.40
CA ILE D 198 -19.92 -13.32 8.50
C ILE D 198 -18.57 -13.94 8.14
N PRO D 199 -17.48 -13.16 8.33
CA PRO D 199 -16.13 -13.63 8.03
C PRO D 199 -15.59 -14.46 9.18
N GLY D 200 -14.56 -15.25 8.90
CA GLY D 200 -13.95 -16.05 9.94
C GLY D 200 -13.34 -15.26 11.08
N ASP D 201 -12.74 -14.12 10.77
CA ASP D 201 -12.12 -13.27 11.80
C ASP D 201 -12.94 -11.99 11.95
N VAL D 202 -14.02 -12.06 12.71
CA VAL D 202 -14.89 -10.90 12.89
C VAL D 202 -14.20 -9.59 13.30
N GLU D 203 -13.26 -9.67 14.24
CA GLU D 203 -12.51 -8.51 14.76
C GLU D 203 -11.76 -7.81 13.64
N GLN D 204 -10.93 -8.60 12.98
CA GLN D 204 -10.14 -8.12 11.87
C GLN D 204 -11.07 -7.49 10.83
N ALA D 205 -12.16 -8.19 10.50
CA ALA D 205 -13.09 -7.66 9.52
C ALA D 205 -13.64 -6.32 9.97
N MET D 206 -13.94 -6.18 11.25
CA MET D 206 -14.47 -4.94 11.79
C MET D 206 -13.43 -3.82 11.76
N LYS D 207 -12.16 -4.17 11.98
CA LYS D 207 -11.09 -3.19 11.94
C LYS D 207 -11.00 -2.62 10.53
N THR D 208 -11.18 -3.48 9.54
CA THR D 208 -11.12 -3.07 8.15
C THR D 208 -12.30 -2.15 7.82
N LEU D 209 -13.48 -2.47 8.35
CA LEU D 209 -14.65 -1.63 8.10
C LEU D 209 -14.39 -0.22 8.63
N GLN D 210 -13.68 -0.12 9.74
CA GLN D 210 -13.42 1.18 10.34
C GLN D 210 -12.57 2.14 9.53
N THR D 211 -11.93 1.66 8.48
CA THR D 211 -11.12 2.52 7.63
C THR D 211 -12.05 3.12 6.57
N PHE D 212 -13.33 2.77 6.63
CA PHE D 212 -14.32 3.29 5.68
C PHE D 212 -14.74 4.70 6.12
N PRO D 213 -14.85 5.62 5.15
CA PRO D 213 -15.24 7.00 5.46
C PRO D 213 -16.65 7.07 6.04
N GLY D 214 -16.76 7.56 7.27
CA GLY D 214 -18.06 7.67 7.90
C GLY D 214 -18.40 6.47 8.77
N ILE D 215 -17.45 5.57 8.94
CA ILE D 215 -17.68 4.38 9.75
C ILE D 215 -16.71 4.28 10.92
N GLY D 216 -17.25 4.42 12.13
CA GLY D 216 -16.42 4.33 13.33
C GLY D 216 -16.62 2.98 14.01
N ARG D 217 -16.14 2.83 15.23
CA ARG D 217 -16.28 1.58 15.94
C ARG D 217 -17.73 1.21 16.27
N TRP D 218 -18.52 2.18 16.74
CA TRP D 218 -19.90 1.87 17.06
C TRP D 218 -20.61 1.27 15.83
N THR D 219 -20.45 1.91 14.68
CA THR D 219 -21.07 1.46 13.44
C THR D 219 -20.55 0.09 12.97
N ALA D 220 -19.25 -0.16 13.15
CA ALA D 220 -18.66 -1.43 12.74
C ALA D 220 -19.23 -2.55 13.61
N ASN D 221 -19.24 -2.34 14.92
CA ASN D 221 -19.78 -3.29 15.88
C ASN D 221 -21.26 -3.60 15.54
N TYR D 222 -22.04 -2.54 15.40
CA TYR D 222 -23.46 -2.68 15.12
C TYR D 222 -23.69 -3.37 13.78
N PHE D 223 -22.84 -3.06 12.80
CA PHE D 223 -22.95 -3.66 11.47
C PHE D 223 -22.67 -5.16 11.56
N ALA D 224 -21.62 -5.51 12.31
CA ALA D 224 -21.25 -6.91 12.49
C ALA D 224 -22.36 -7.64 13.19
N LEU D 225 -22.93 -6.98 14.20
CA LEU D 225 -24.02 -7.53 14.99
C LEU D 225 -25.21 -7.93 14.12
N ARG D 226 -25.77 -6.98 13.38
CA ARG D 226 -26.92 -7.29 12.56
C ARG D 226 -26.65 -7.70 11.12
N GLY D 227 -25.65 -7.08 10.49
CA GLY D 227 -25.32 -7.40 9.12
C GLY D 227 -24.76 -8.80 8.94
N TRP D 228 -23.96 -9.28 9.91
CA TRP D 228 -23.38 -10.61 9.85
C TRP D 228 -24.01 -11.54 10.89
N GLN D 229 -24.81 -10.98 11.79
CA GLN D 229 -25.41 -11.76 12.89
C GLN D 229 -24.29 -12.38 13.71
N ALA D 230 -23.23 -11.61 13.91
CA ALA D 230 -22.10 -12.01 14.73
C ALA D 230 -22.70 -12.15 16.13
N LYS D 231 -22.56 -13.32 16.75
CA LYS D 231 -23.17 -13.53 18.06
C LYS D 231 -22.33 -13.13 19.27
N ASP D 232 -21.07 -12.79 19.04
CA ASP D 232 -20.24 -12.45 20.19
C ASP D 232 -19.61 -11.06 20.15
N VAL D 233 -20.43 -10.04 19.89
CA VAL D 233 -19.95 -8.65 19.85
C VAL D 233 -20.76 -7.78 20.79
N PHE D 234 -20.10 -6.83 21.44
CA PHE D 234 -20.80 -5.94 22.36
C PHE D 234 -20.64 -4.53 21.78
N LEU D 235 -21.48 -3.60 22.25
CA LEU D 235 -21.45 -2.21 21.77
C LEU D 235 -21.13 -1.26 22.92
N PRO D 236 -19.90 -1.31 23.44
CA PRO D 236 -19.48 -0.44 24.55
C PRO D 236 -19.61 1.06 24.31
N ASP D 237 -19.67 1.47 23.05
CA ASP D 237 -19.79 2.89 22.72
C ASP D 237 -21.22 3.37 22.55
N ASP D 238 -22.17 2.46 22.66
CA ASP D 238 -23.57 2.81 22.49
C ASP D 238 -24.05 3.74 23.60
N TYR D 239 -24.85 4.73 23.21
CA TYR D 239 -25.42 5.73 24.11
C TYR D 239 -26.16 5.10 25.28
N LEU D 240 -27.10 4.20 24.98
CA LEU D 240 -27.89 3.53 26.01
C LEU D 240 -27.00 2.63 26.84
N ILE D 241 -26.05 1.95 26.21
CA ILE D 241 -25.16 1.06 26.95
C ILE D 241 -24.39 1.85 28.00
N LYS D 242 -23.90 3.03 27.65
CA LYS D 242 -23.18 3.87 28.59
C LYS D 242 -24.06 4.18 29.82
N GLN D 243 -25.37 4.31 29.60
CA GLN D 243 -26.31 4.58 30.69
C GLN D 243 -26.47 3.34 31.59
N ARG D 244 -26.45 2.16 30.97
CA ARG D 244 -26.57 0.90 31.71
C ARG D 244 -25.33 0.63 32.57
N PHE D 245 -24.19 1.19 32.18
CA PHE D 245 -22.95 1.01 32.95
C PHE D 245 -22.48 2.40 33.36
N PRO D 246 -23.20 3.05 34.29
CA PRO D 246 -22.91 4.40 34.81
C PRO D 246 -21.47 4.66 35.22
N GLY D 247 -20.91 5.75 34.71
CA GLY D 247 -19.55 6.12 35.03
C GLY D 247 -18.47 5.15 34.61
N MET D 248 -18.82 4.21 33.75
CA MET D 248 -17.82 3.27 33.27
C MET D 248 -17.37 3.66 31.87
N THR D 249 -16.07 3.56 31.64
CA THR D 249 -15.52 3.88 30.34
C THR D 249 -15.68 2.68 29.39
N PRO D 250 -15.51 2.91 28.08
CA PRO D 250 -15.63 1.85 27.08
C PRO D 250 -14.83 0.58 27.38
N ALA D 251 -13.64 0.73 27.96
CA ALA D 251 -12.80 -0.43 28.26
C ALA D 251 -13.29 -1.22 29.47
N GLN D 252 -13.84 -0.51 30.46
CA GLN D 252 -14.35 -1.16 31.65
C GLN D 252 -15.63 -1.91 31.28
N ILE D 253 -16.41 -1.31 30.38
CA ILE D 253 -17.63 -1.93 29.94
C ILE D 253 -17.22 -3.24 29.25
N ARG D 254 -16.31 -3.11 28.29
CA ARG D 254 -15.82 -4.24 27.52
C ARG D 254 -15.24 -5.37 28.40
N ARG D 255 -14.48 -5.00 29.41
CA ARG D 255 -13.88 -5.97 30.32
C ARG D 255 -15.00 -6.69 31.09
N TYR D 256 -16.03 -5.94 31.45
CA TYR D 256 -17.17 -6.52 32.18
C TYR D 256 -17.91 -7.54 31.31
N ALA D 257 -18.20 -7.13 30.08
CA ALA D 257 -18.92 -7.95 29.11
C ALA D 257 -18.25 -9.29 28.81
N GLU D 258 -16.96 -9.40 29.13
CA GLU D 258 -16.23 -10.64 28.87
C GLU D 258 -16.86 -11.85 29.55
N ARG D 259 -17.61 -11.60 30.63
CA ARG D 259 -18.23 -12.71 31.34
C ARG D 259 -19.34 -13.40 30.55
N TRP D 260 -19.74 -12.81 29.42
CA TRP D 260 -20.80 -13.39 28.60
C TRP D 260 -20.31 -14.05 27.31
N LYS D 261 -18.99 -14.05 27.10
CA LYS D 261 -18.43 -14.71 25.94
C LYS D 261 -18.87 -16.16 26.08
N PRO D 262 -19.18 -16.83 24.95
CA PRO D 262 -19.13 -16.32 23.59
C PRO D 262 -20.49 -15.81 23.05
N TRP D 263 -21.39 -15.38 23.93
CA TRP D 263 -22.70 -14.90 23.50
C TRP D 263 -22.94 -13.44 23.79
N ARG D 264 -21.88 -12.63 23.74
CA ARG D 264 -22.02 -11.22 24.03
C ARG D 264 -23.11 -10.48 23.24
N SER D 265 -23.34 -10.85 21.99
CA SER D 265 -24.38 -10.15 21.21
C SER D 265 -25.77 -10.35 21.83
N TYR D 266 -26.02 -11.53 22.38
CA TYR D 266 -27.32 -11.79 23.01
C TYR D 266 -27.39 -11.03 24.34
N ALA D 267 -26.27 -11.01 25.07
CA ALA D 267 -26.20 -10.30 26.35
C ALA D 267 -26.51 -8.84 26.10
N LEU D 268 -25.95 -8.32 25.01
CA LEU D 268 -26.13 -6.93 24.60
C LEU D 268 -27.62 -6.64 24.44
N LEU D 269 -28.33 -7.49 23.71
CA LEU D 269 -29.76 -7.28 23.50
C LEU D 269 -30.56 -7.36 24.80
N HIS D 270 -30.22 -8.29 25.68
CA HIS D 270 -30.95 -8.37 26.93
C HIS D 270 -30.76 -7.12 27.77
N ILE D 271 -29.55 -6.55 27.75
CA ILE D 271 -29.25 -5.36 28.53
C ILE D 271 -29.89 -4.11 27.92
N TRP D 272 -29.90 -4.07 26.59
CA TRP D 272 -30.49 -2.95 25.88
C TRP D 272 -31.98 -2.87 26.23
N TYR D 273 -32.64 -4.03 26.20
CA TYR D 273 -34.05 -4.08 26.50
C TYR D 273 -34.46 -4.42 27.92
N THR D 274 -33.65 -3.96 28.87
CA THR D 274 -33.94 -4.16 30.28
C THR D 274 -33.70 -2.83 30.99
N GLU D 275 -34.74 -1.99 30.96
CA GLU D 275 -34.70 -0.68 31.59
C GLU D 275 -34.34 -0.82 33.07
N GLY D 276 -33.46 0.05 33.55
CA GLY D 276 -33.07 -0.04 34.95
C GLY D 276 -32.13 -1.19 35.26
N TRP D 277 -31.54 -1.79 34.24
CA TRP D 277 -30.59 -2.87 34.47
C TRP D 277 -29.33 -2.19 34.95
N GLN D 278 -28.59 -2.83 35.84
CA GLN D 278 -27.35 -2.27 36.32
C GLN D 278 -26.38 -3.41 36.56
N PRO D 279 -25.07 -3.13 36.46
CA PRO D 279 -24.04 -4.16 36.67
C PRO D 279 -23.92 -4.59 38.12
N ASP D 280 -23.23 -5.70 38.35
CA ASP D 280 -23.04 -6.18 39.70
C ASP D 280 -21.97 -5.37 40.42
N GLU D 281 -21.63 -5.80 41.62
CA GLU D 281 -20.62 -5.15 42.43
C GLU D 281 -19.30 -5.90 42.27
P 2FI E 8 9.70 -5.42 -32.73
O1P 2FI E 8 10.75 -6.40 -33.26
O2P 2FI E 8 10.06 -3.96 -32.58
O5' 2FI E 8 8.49 -5.50 -33.80
O6 2FI E 8 4.25 -1.42 -26.53
C6 2FI E 8 3.90 -1.96 -27.62
N1 2FI E 8 2.51 -1.96 -28.00
C2 2FI E 8 2.00 -2.52 -29.16
N3 2FI E 8 2.77 -3.14 -30.09
C4 2FI E 8 4.11 -3.16 -29.76
C5 2FI E 8 4.74 -2.62 -28.61
N7 2FI E 8 6.13 -2.85 -28.65
C8 2FI E 8 6.33 -3.52 -29.82
N9 2FI E 8 5.16 -3.73 -30.55
F1' 2FI E 8 5.83 -2.42 -32.71
C2' 2FI E 8 5.17 -3.56 -33.07
C5' 2FI E 8 7.42 -6.47 -33.62
C4' 2FI E 8 6.11 -5.76 -33.36
O4' 2FI E 8 5.99 -5.44 -31.97
C1' 2FI E 8 4.99 -4.42 -31.85
C3' 2FI E 8 5.95 -4.41 -34.05
O3' 2FI E 8 5.18 -4.53 -35.29
P 2FI G 8 -0.51 14.10 30.42
O1P 2FI G 8 -1.08 15.08 31.46
O2P 2FI G 8 0.93 14.24 29.97
O5' 2FI G 8 -0.62 12.66 31.11
O6 2FI G 8 -0.74 7.44 23.76
C6 2FI G 8 -1.19 7.34 24.97
N1 2FI G 8 -1.98 6.23 25.34
C2 2FI G 8 -2.53 6.01 26.60
N3 2FI G 8 -2.35 6.87 27.65
C4 2FI G 8 -1.59 7.97 27.32
C5 2FI G 8 -0.99 8.27 26.07
N7 2FI G 8 -0.29 9.46 26.13
C8 2FI G 8 -0.45 9.89 27.40
N9 2FI G 8 -1.23 9.03 28.18
F1' 2FI G 8 0.69 9.06 30.30
C2' 2FI G 8 -0.62 8.87 30.72
C5' 2FI G 8 -1.88 12.20 31.59
C4' 2FI G 8 -2.07 10.75 31.21
O4' 2FI G 8 -1.93 10.56 29.79
C1' 2FI G 8 -1.63 9.18 29.59
C3' 2FI G 8 -1.02 9.83 31.83
O3' 2FI G 8 -1.56 9.09 32.95
#